data_8AJK
#
_entry.id   8AJK
#
_cell.length_a   61.250
_cell.length_b   88.790
_cell.length_c   186.840
_cell.angle_alpha   90.000
_cell.angle_beta   90.000
_cell.angle_gamma   90.000
#
_symmetry.space_group_name_H-M   'P 21 2 21'
#
loop_
_entity.id
_entity.type
_entity.pdbx_description
1 polymer 'FAD-containing oxidoreductase'
2 non-polymer GLYCEROL
3 non-polymer 'FLAVIN-ADENINE DINUCLEOTIDE'
4 non-polymer 'NICKEL (II) ION'
5 water water
#
_entity_poly.entity_id   1
_entity_poly.type   'polypeptide(L)'
_entity_poly.pdbx_seq_one_letter_code
;MGMKTYDLIVIGFGKAGKTLAKYAASTGQHVAVIEQSPKMYGGTSINIGCIPSKTLVHDGLEGKSFEASYNRKNDVVNAL
NNKNYHLLADDNNIDVLDFKAQFKSNTEVNLLDQHDDIVDSITAPHIIINTGATSVIPNIKGLDQAKHVFDSTGLLNISY
QPKHLVIVGGGYIALEFASMFANLGSKVTVLERGESFMPREDQDVVAYGITDLENKGIALHTNVETTELSSDNHHTTVHT
NVDNFEADAVLLAIGRKPNTDLALENTDIELGDRGEIKVNAHLQTTVPHIYAAGDVKGGLQFTYISLDDYRIIKSALYGN
QSRTTDNRGSVPYTVFIDPPLSRVGLTSKEAAAQHYDYTEHQLLVSAIPRHKINNDPRGLFKVVINNENNMILGATLYGK
QSEELINIIKLAIDQNIPYTVLRDNIYTHPTMAESFNDLFNFHHHHHH
;
_entity_poly.pdbx_strand_id   A,B
#
# COMPACT_ATOMS: atom_id res chain seq x y z
N GLY A 2 43.26 -24.46 3.29
CA GLY A 2 42.66 -24.37 1.98
C GLY A 2 43.63 -23.80 0.97
N MET A 3 43.70 -24.40 -0.22
CA MET A 3 44.68 -24.00 -1.23
C MET A 3 44.64 -22.49 -1.48
N LYS A 4 43.48 -21.95 -1.81
CA LYS A 4 43.31 -20.50 -1.91
C LYS A 4 42.66 -19.92 -0.67
N THR A 5 43.09 -18.70 -0.32
CA THR A 5 42.66 -18.04 0.91
C THR A 5 41.85 -16.80 0.57
N TYR A 6 40.71 -16.64 1.23
CA TYR A 6 39.88 -15.47 1.14
C TYR A 6 39.79 -14.81 2.52
N ASP A 7 39.28 -13.59 2.54
CA ASP A 7 38.99 -12.94 3.82
C ASP A 7 37.67 -13.44 4.40
N LEU A 8 36.75 -13.86 3.54
CA LEU A 8 35.41 -14.26 3.95
C LEU A 8 34.89 -15.29 2.96
N ILE A 9 34.27 -16.35 3.46
CA ILE A 9 33.61 -17.34 2.61
C ILE A 9 32.14 -17.35 2.95
N VAL A 10 31.30 -17.31 1.93
CA VAL A 10 29.85 -17.39 2.08
C VAL A 10 29.41 -18.65 1.33
N ILE A 11 28.74 -19.56 2.02
CA ILE A 11 28.29 -20.80 1.41
C ILE A 11 26.82 -20.62 1.10
N GLY A 12 26.49 -20.51 -0.19
CA GLY A 12 25.12 -20.29 -0.59
C GLY A 12 24.86 -18.86 -1.03
N PHE A 13 24.24 -18.71 -2.19
CA PHE A 13 23.89 -17.40 -2.77
C PHE A 13 22.55 -16.92 -2.24
N GLY A 14 22.35 -16.98 -0.93
CA GLY A 14 21.09 -16.60 -0.32
C GLY A 14 21.00 -15.11 -0.05
N LYS A 15 19.94 -14.72 0.67
CA LYS A 15 19.68 -13.30 0.90
C LYS A 15 20.74 -12.68 1.81
N ALA A 16 20.89 -13.21 3.04
CA ALA A 16 21.94 -12.72 3.93
C ALA A 16 23.29 -12.78 3.25
N GLY A 17 23.56 -13.86 2.52
CA GLY A 17 24.90 -14.11 2.05
C GLY A 17 25.33 -13.15 0.96
N LYS A 18 24.45 -12.93 -0.04
CA LYS A 18 24.82 -12.04 -1.13
C LYS A 18 24.89 -10.60 -0.63
N THR A 19 24.06 -10.25 0.35
CA THR A 19 24.11 -8.91 0.92
C THR A 19 25.40 -8.68 1.70
N LEU A 20 25.79 -9.69 2.51
CA LEU A 20 27.02 -9.58 3.29
C LEU A 20 28.25 -9.62 2.40
N ALA A 21 28.22 -10.44 1.33
CA ALA A 21 29.35 -10.48 0.40
C ALA A 21 29.62 -9.11 -0.19
N LYS A 22 28.56 -8.44 -0.65
CA LYS A 22 28.74 -7.14 -1.29
C LYS A 22 29.22 -6.10 -0.28
N TYR A 23 28.68 -6.13 0.94
CA TYR A 23 29.18 -5.20 1.96
C TYR A 23 30.64 -5.48 2.29
N ALA A 24 30.98 -6.75 2.53
CA ALA A 24 32.37 -7.07 2.85
C ALA A 24 33.31 -6.62 1.74
N ALA A 25 32.94 -6.87 0.48
CA ALA A 25 33.77 -6.43 -0.64
C ALA A 25 33.95 -4.92 -0.62
N SER A 26 32.91 -4.19 -0.21
CA SER A 26 33.00 -2.73 -0.24
C SER A 26 34.00 -2.19 0.78
N THR A 27 34.35 -2.99 1.79
CA THR A 27 35.40 -2.60 2.73
C THR A 27 36.78 -3.02 2.25
N GLY A 28 36.89 -3.62 1.07
CA GLY A 28 38.17 -4.09 0.56
C GLY A 28 38.47 -5.56 0.81
N GLN A 29 37.52 -6.32 1.36
CA GLN A 29 37.77 -7.71 1.66
C GLN A 29 37.58 -8.58 0.41
N HIS A 30 38.36 -9.66 0.32
CA HIS A 30 38.24 -10.63 -0.77
C HIS A 30 37.27 -11.73 -0.35
N VAL A 31 36.17 -11.88 -1.10
CA VAL A 31 35.05 -12.71 -0.69
C VAL A 31 34.88 -13.84 -1.70
N ALA A 32 34.62 -15.05 -1.20
CA ALA A 32 34.18 -16.15 -2.02
C ALA A 32 32.73 -16.45 -1.68
N VAL A 33 31.89 -16.55 -2.71
CA VAL A 33 30.50 -17.01 -2.58
C VAL A 33 30.37 -18.30 -3.36
N ILE A 34 30.08 -19.40 -2.66
CA ILE A 34 29.96 -20.71 -3.30
C ILE A 34 28.50 -21.00 -3.51
N GLU A 35 28.13 -21.31 -4.76
CA GLU A 35 26.75 -21.62 -5.10
C GLU A 35 26.70 -22.86 -5.98
N GLN A 36 25.87 -23.83 -5.59
CA GLN A 36 25.89 -25.12 -6.28
C GLN A 36 25.08 -25.12 -7.58
N SER A 37 24.21 -24.12 -7.81
CA SER A 37 23.34 -24.18 -9.00
C SER A 37 23.26 -22.82 -9.67
N PRO A 38 23.50 -22.73 -10.98
CA PRO A 38 23.28 -21.45 -11.68
C PRO A 38 21.81 -21.09 -11.79
N LYS A 39 20.90 -22.03 -11.50
CA LYS A 39 19.48 -21.68 -11.39
C LYS A 39 19.16 -20.97 -10.08
N MET A 40 20.15 -20.77 -9.20
CA MET A 40 19.91 -20.20 -7.89
C MET A 40 20.75 -18.96 -7.61
N TYR A 41 21.26 -18.26 -8.64
CA TYR A 41 21.91 -16.98 -8.40
C TYR A 41 20.87 -15.99 -7.88
N GLY A 42 21.11 -15.42 -6.71
CA GLY A 42 20.13 -14.60 -6.04
C GLY A 42 19.25 -15.34 -5.06
N GLY A 43 19.33 -16.66 -5.03
CA GLY A 43 18.71 -17.42 -3.95
C GLY A 43 17.29 -17.85 -4.22
N THR A 44 16.66 -18.33 -3.14
CA THR A 44 15.31 -18.88 -3.23
C THR A 44 14.29 -17.79 -3.60
N SER A 45 14.38 -16.61 -2.99
CA SER A 45 13.42 -15.54 -3.29
C SER A 45 13.34 -15.26 -4.79
N ILE A 46 14.51 -15.14 -5.43
CA ILE A 46 14.55 -14.75 -6.85
C ILE A 46 14.06 -15.87 -7.76
N ASN A 47 14.43 -17.13 -7.46
CA ASN A 47 14.35 -18.18 -8.48
C ASN A 47 13.21 -19.16 -8.27
N ILE A 48 12.86 -19.49 -7.02
CA ILE A 48 11.95 -20.60 -6.77
C ILE A 48 11.00 -20.28 -5.62
N GLY A 49 10.92 -19.02 -5.23
CA GLY A 49 10.11 -18.67 -4.08
C GLY A 49 9.30 -17.40 -4.28
N CYS A 50 9.65 -16.36 -3.51
CA CYS A 50 8.80 -15.18 -3.38
C CYS A 50 8.51 -14.50 -4.71
N ILE A 51 9.54 -14.28 -5.51
CA ILE A 51 9.40 -13.49 -6.74
C ILE A 51 8.59 -14.24 -7.81
N PRO A 52 8.94 -15.48 -8.20
CA PRO A 52 8.07 -16.18 -9.17
C PRO A 52 6.66 -16.42 -8.64
N SER A 53 6.50 -16.82 -7.38
CA SER A 53 5.14 -17.08 -6.90
C SER A 53 4.27 -15.82 -6.96
N LYS A 54 4.78 -14.68 -6.50
CA LYS A 54 3.92 -13.50 -6.50
C LYS A 54 3.74 -12.92 -7.89
N THR A 55 4.67 -13.17 -8.82
CA THR A 55 4.44 -12.79 -10.21
C THR A 55 3.20 -13.50 -10.74
N LEU A 56 3.09 -14.81 -10.42
CA LEU A 56 1.92 -15.57 -10.84
C LEU A 56 0.67 -15.12 -10.11
N VAL A 57 0.79 -14.80 -8.81
CA VAL A 57 -0.34 -14.25 -8.07
C VAL A 57 -0.84 -12.95 -8.69
N HIS A 58 0.10 -12.02 -8.92
CA HIS A 58 -0.25 -10.72 -9.49
C HIS A 58 -0.93 -10.86 -10.86
N ASP A 59 -0.33 -11.63 -11.76
CA ASP A 59 -0.89 -11.73 -13.11
C ASP A 59 -2.22 -12.50 -13.12
N GLY A 60 -2.39 -13.46 -12.21
CA GLY A 60 -3.67 -14.14 -12.13
C GLY A 60 -4.80 -13.27 -11.62
N LEU A 61 -4.51 -12.33 -10.72
CA LEU A 61 -5.52 -11.37 -10.28
C LEU A 61 -5.96 -10.45 -11.42
N GLU A 62 -5.07 -10.22 -12.39
CA GLU A 62 -5.40 -9.41 -13.56
C GLU A 62 -6.15 -10.19 -14.63
N GLY A 63 -6.37 -11.49 -14.45
CA GLY A 63 -7.04 -12.28 -15.45
C GLY A 63 -6.14 -12.73 -16.59
N LYS A 64 -4.83 -12.65 -16.43
CA LYS A 64 -3.91 -13.14 -17.46
C LYS A 64 -4.00 -14.66 -17.52
N SER A 65 -3.76 -15.20 -18.72
CA SER A 65 -3.85 -16.65 -18.87
C SER A 65 -2.72 -17.33 -18.13
N PHE A 66 -2.93 -18.62 -17.86
CA PHE A 66 -1.86 -19.46 -17.33
C PHE A 66 -0.59 -19.34 -18.16
N GLU A 67 -0.72 -19.49 -19.49
CA GLU A 67 0.47 -19.47 -20.34
C GLU A 67 1.15 -18.11 -20.30
N ALA A 68 0.38 -17.03 -20.38
CA ALA A 68 0.98 -15.71 -20.38
C ALA A 68 1.66 -15.42 -19.06
N SER A 69 1.05 -15.88 -17.96
CA SER A 69 1.62 -15.63 -16.65
C SER A 69 2.90 -16.42 -16.46
N TYR A 70 2.91 -17.70 -16.86
CA TYR A 70 4.12 -18.48 -16.67
C TYR A 70 5.25 -17.98 -17.57
N ASN A 71 4.94 -17.56 -18.79
CA ASN A 71 5.97 -17.01 -19.67
C ASN A 71 6.60 -15.75 -19.07
N ARG A 72 5.78 -14.85 -18.52
CA ARG A 72 6.35 -13.64 -17.93
C ARG A 72 7.12 -13.95 -16.66
N LYS A 73 6.64 -14.92 -15.87
CA LYS A 73 7.40 -15.38 -14.71
C LYS A 73 8.80 -15.82 -15.12
N ASN A 74 8.91 -16.58 -16.21
CA ASN A 74 10.22 -17.00 -16.69
C ASN A 74 11.09 -15.80 -17.03
N ASP A 75 10.51 -14.78 -17.67
CA ASP A 75 11.27 -13.58 -18.01
C ASP A 75 11.75 -12.86 -16.75
N VAL A 76 10.88 -12.75 -15.74
CA VAL A 76 11.26 -12.04 -14.52
C VAL A 76 12.40 -12.77 -13.80
N VAL A 77 12.28 -14.09 -13.65
CA VAL A 77 13.31 -14.85 -12.96
C VAL A 77 14.65 -14.77 -13.71
N ASN A 78 14.62 -14.97 -15.02
CA ASN A 78 15.86 -14.90 -15.79
C ASN A 78 16.53 -13.53 -15.63
N ALA A 79 15.75 -12.45 -15.70
CA ALA A 79 16.35 -11.13 -15.59
C ALA A 79 16.98 -10.93 -14.23
N LEU A 80 16.28 -11.30 -13.15
CA LEU A 80 16.81 -11.03 -11.81
C LEU A 80 17.89 -12.01 -11.41
N ASN A 81 17.82 -13.25 -11.88
CA ASN A 81 18.92 -14.18 -11.70
C ASN A 81 20.19 -13.63 -12.33
N ASN A 82 20.10 -13.21 -13.60
CA ASN A 82 21.27 -12.64 -14.27
C ASN A 82 21.79 -11.39 -13.55
N LYS A 83 20.88 -10.51 -13.14
CA LYS A 83 21.28 -9.29 -12.44
C LYS A 83 22.04 -9.63 -11.15
N ASN A 84 21.49 -10.57 -10.38
CA ASN A 84 22.11 -10.94 -9.11
C ASN A 84 23.48 -11.56 -9.31
N TYR A 85 23.61 -12.47 -10.28
CA TYR A 85 24.91 -13.06 -10.59
C TYR A 85 25.94 -11.98 -10.87
N HIS A 86 25.64 -11.03 -11.76
CA HIS A 86 26.65 -10.07 -12.16
C HIS A 86 26.93 -9.03 -11.07
N LEU A 87 25.97 -8.74 -10.20
CA LEU A 87 26.23 -7.80 -9.11
C LEU A 87 27.38 -8.29 -8.23
N LEU A 88 27.43 -9.60 -7.99
CA LEU A 88 28.55 -10.17 -7.25
C LEU A 88 29.74 -10.49 -8.16
N ALA A 89 29.52 -11.20 -9.26
CA ALA A 89 30.64 -11.69 -10.06
C ALA A 89 31.45 -10.55 -10.66
N ASP A 90 30.80 -9.47 -11.07
CA ASP A 90 31.55 -8.37 -11.67
C ASP A 90 32.33 -7.58 -10.62
N ASP A 91 32.08 -7.79 -9.34
CA ASP A 91 32.79 -7.08 -8.29
C ASP A 91 34.24 -7.57 -8.25
N ASN A 92 35.18 -6.62 -8.23
CA ASN A 92 36.60 -7.00 -8.24
C ASN A 92 36.99 -7.81 -7.01
N ASN A 93 36.24 -7.70 -5.91
CA ASN A 93 36.63 -8.33 -4.66
C ASN A 93 35.80 -9.57 -4.35
N ILE A 94 34.96 -10.04 -5.28
CA ILE A 94 34.11 -11.20 -5.04
C ILE A 94 34.32 -12.24 -6.15
N ASP A 95 34.51 -13.50 -5.76
CA ASP A 95 34.49 -14.61 -6.69
C ASP A 95 33.24 -15.44 -6.42
N VAL A 96 32.41 -15.61 -7.45
CA VAL A 96 31.28 -16.54 -7.35
C VAL A 96 31.77 -17.90 -7.84
N LEU A 97 31.78 -18.89 -6.94
CA LEU A 97 32.38 -20.18 -7.23
C LEU A 97 31.27 -21.22 -7.46
N ASP A 98 31.24 -21.79 -8.66
CA ASP A 98 30.20 -22.72 -9.11
C ASP A 98 30.54 -24.14 -8.66
N PHE A 99 30.25 -24.42 -7.39
CA PHE A 99 30.55 -25.73 -6.79
C PHE A 99 29.53 -26.00 -5.69
N LYS A 100 29.41 -27.27 -5.32
CA LYS A 100 28.75 -27.61 -4.06
C LYS A 100 29.80 -27.60 -2.94
N ALA A 101 29.55 -26.82 -1.89
CA ALA A 101 30.46 -26.77 -0.76
C ALA A 101 30.17 -27.91 0.20
N GLN A 102 31.24 -28.52 0.73
CA GLN A 102 31.15 -29.33 1.92
C GLN A 102 32.40 -29.06 2.75
N PHE A 103 32.23 -29.08 4.07
CA PHE A 103 33.36 -28.83 4.96
C PHE A 103 34.38 -29.95 4.90
N LYS A 104 35.64 -29.55 4.79
CA LYS A 104 36.77 -30.45 5.01
C LYS A 104 37.16 -30.51 6.48
N SER A 105 36.92 -29.45 7.22
CA SER A 105 37.30 -29.29 8.62
C SER A 105 36.62 -28.02 9.13
N ASN A 106 36.92 -27.64 10.37
CA ASN A 106 36.41 -26.37 10.89
C ASN A 106 36.93 -25.17 10.10
N THR A 107 38.06 -25.29 9.41
CA THR A 107 38.68 -24.13 8.80
C THR A 107 38.78 -24.15 7.28
N GLU A 108 38.41 -25.23 6.59
CA GLU A 108 38.48 -25.18 5.14
C GLU A 108 37.32 -25.93 4.52
N VAL A 109 36.95 -25.48 3.32
CA VAL A 109 35.74 -25.89 2.64
C VAL A 109 36.13 -26.57 1.33
N ASN A 110 35.72 -27.81 1.16
CA ASN A 110 35.90 -28.50 -0.11
C ASN A 110 34.89 -27.98 -1.14
N LEU A 111 35.33 -27.96 -2.41
CA LEU A 111 34.49 -27.55 -3.53
C LEU A 111 34.26 -28.79 -4.40
N LEU A 112 32.99 -29.17 -4.56
CA LEU A 112 32.64 -30.41 -5.24
C LEU A 112 32.08 -30.09 -6.62
N ASP A 113 32.45 -30.92 -7.61
CA ASP A 113 31.88 -30.79 -8.95
C ASP A 113 30.51 -31.47 -8.98
N GLN A 114 29.88 -31.49 -10.17
CA GLN A 114 28.51 -31.98 -10.25
C GLN A 114 28.38 -33.47 -9.92
N HIS A 115 29.49 -34.22 -9.93
CA HIS A 115 29.49 -35.64 -9.59
C HIS A 115 29.92 -35.90 -8.15
N ASP A 116 29.92 -34.87 -7.31
CA ASP A 116 30.30 -34.94 -5.90
C ASP A 116 31.78 -35.25 -5.71
N ASP A 117 32.60 -35.09 -6.75
CA ASP A 117 34.05 -35.24 -6.62
C ASP A 117 34.68 -33.94 -6.17
N ILE A 118 35.66 -34.05 -5.27
CA ILE A 118 36.33 -32.86 -4.76
C ILE A 118 37.30 -32.34 -5.81
N VAL A 119 37.18 -31.05 -6.11
CA VAL A 119 38.00 -30.38 -7.12
C VAL A 119 39.09 -29.55 -6.47
N ASP A 120 38.76 -28.82 -5.41
CA ASP A 120 39.74 -28.02 -4.69
C ASP A 120 39.17 -27.67 -3.32
N SER A 121 39.88 -26.82 -2.58
CA SER A 121 39.45 -26.42 -1.26
C SER A 121 39.92 -24.99 -1.01
N ILE A 122 39.19 -24.29 -0.14
CA ILE A 122 39.50 -22.91 0.18
C ILE A 122 39.32 -22.70 1.68
N THR A 123 39.92 -21.63 2.18
CA THR A 123 39.82 -21.29 3.60
C THR A 123 39.67 -19.79 3.76
N ALA A 124 39.16 -19.39 4.92
CA ALA A 124 38.99 -17.99 5.30
C ALA A 124 38.84 -17.93 6.80
N PRO A 125 39.23 -16.81 7.44
CA PRO A 125 39.07 -16.70 8.90
C PRO A 125 37.62 -16.70 9.36
N HIS A 126 36.65 -16.32 8.50
CA HIS A 126 35.24 -16.41 8.84
C HIS A 126 34.47 -17.06 7.69
N ILE A 127 33.50 -17.89 8.05
CA ILE A 127 32.69 -18.64 7.10
C ILE A 127 31.23 -18.43 7.49
N ILE A 128 30.40 -18.13 6.49
CA ILE A 128 28.96 -17.89 6.70
C ILE A 128 28.20 -18.99 5.98
N ILE A 129 27.44 -19.79 6.72
CA ILE A 129 26.56 -20.80 6.11
C ILE A 129 25.22 -20.16 5.81
N ASN A 130 24.85 -20.15 4.53
CA ASN A 130 23.63 -19.49 4.04
C ASN A 130 22.95 -20.40 3.01
N THR A 131 22.66 -21.64 3.40
CA THR A 131 22.27 -22.69 2.45
C THR A 131 20.77 -22.92 2.36
N GLY A 132 19.96 -22.21 3.14
CA GLY A 132 18.52 -22.24 2.95
C GLY A 132 17.88 -23.52 3.44
N ALA A 133 16.72 -23.82 2.86
CA ALA A 133 15.90 -24.98 3.23
C ALA A 133 15.39 -25.66 1.97
N THR A 134 14.82 -26.85 2.13
CA THR A 134 14.23 -27.57 1.00
C THR A 134 12.91 -28.18 1.42
N SER A 135 12.06 -28.45 0.43
CA SER A 135 10.75 -29.03 0.71
C SER A 135 10.88 -30.35 1.45
N VAL A 136 10.04 -30.52 2.47
CA VAL A 136 9.95 -31.80 3.15
C VAL A 136 9.27 -32.80 2.22
N ILE A 137 9.87 -33.98 2.09
CA ILE A 137 9.31 -35.06 1.28
C ILE A 137 8.60 -36.02 2.23
N PRO A 138 7.27 -36.16 2.15
CA PRO A 138 6.57 -37.07 3.07
C PRO A 138 6.78 -38.51 2.65
N ASN A 139 6.57 -39.41 3.59
CA ASN A 139 6.57 -40.84 3.29
C ASN A 139 5.13 -41.23 2.98
N ILE A 140 4.81 -41.29 1.69
CA ILE A 140 3.49 -41.72 1.22
C ILE A 140 3.71 -42.90 0.29
N LYS A 141 3.04 -44.02 0.56
CA LYS A 141 3.15 -45.18 -0.31
C LYS A 141 2.91 -44.80 -1.76
N GLY A 142 3.82 -45.24 -2.63
CA GLY A 142 3.73 -44.99 -4.05
C GLY A 142 4.45 -43.75 -4.53
N LEU A 143 4.98 -42.92 -3.63
CA LEU A 143 5.57 -41.66 -4.05
C LEU A 143 6.81 -41.91 -4.92
N ASP A 144 7.59 -42.96 -4.61
CA ASP A 144 8.83 -43.23 -5.33
C ASP A 144 8.63 -43.35 -6.84
N GLN A 145 7.47 -43.84 -7.28
CA GLN A 145 7.25 -44.10 -8.70
C GLN A 145 6.06 -43.33 -9.25
N ALA A 146 5.46 -42.43 -8.46
CA ALA A 146 4.28 -41.71 -8.91
C ALA A 146 4.62 -40.62 -9.92
N LYS A 147 3.79 -40.49 -10.95
CA LYS A 147 3.96 -39.43 -11.92
C LYS A 147 3.15 -38.20 -11.49
N HIS A 148 3.47 -37.05 -12.10
CA HIS A 148 2.67 -35.83 -11.97
C HIS A 148 2.65 -35.30 -10.53
N VAL A 149 3.72 -35.52 -9.77
CA VAL A 149 3.83 -35.02 -8.39
C VAL A 149 4.95 -33.99 -8.35
N PHE A 150 4.69 -32.86 -7.69
CA PHE A 150 5.60 -31.73 -7.66
C PHE A 150 5.77 -31.22 -6.23
N ASP A 151 6.95 -30.64 -5.95
CA ASP A 151 7.10 -29.72 -4.83
C ASP A 151 6.94 -28.29 -5.36
N SER A 152 7.14 -27.30 -4.48
CA SER A 152 6.90 -25.91 -4.89
C SER A 152 7.79 -25.53 -6.07
N THR A 153 9.03 -26.00 -6.09
CA THR A 153 9.94 -25.67 -7.19
C THR A 153 9.44 -26.30 -8.49
N GLY A 154 9.09 -27.59 -8.44
CA GLY A 154 8.54 -28.24 -9.61
C GLY A 154 7.27 -27.59 -10.11
N LEU A 155 6.38 -27.18 -9.21
CA LEU A 155 5.11 -26.59 -9.64
C LEU A 155 5.34 -25.23 -10.29
N LEU A 156 6.29 -24.45 -9.75
CA LEU A 156 6.58 -23.14 -10.35
C LEU A 156 7.28 -23.27 -11.70
N ASN A 157 7.74 -24.46 -12.06
CA ASN A 157 8.32 -24.70 -13.38
C ASN A 157 7.49 -25.69 -14.20
N ILE A 158 6.21 -25.86 -13.87
CA ILE A 158 5.42 -26.89 -14.54
C ILE A 158 5.22 -26.50 -16.01
N SER A 159 5.09 -27.50 -16.87
CA SER A 159 5.09 -27.30 -18.31
C SER A 159 3.70 -27.34 -18.93
N TYR A 160 2.65 -27.44 -18.10
CA TYR A 160 1.28 -27.51 -18.57
C TYR A 160 0.39 -26.98 -17.46
N GLN A 161 -0.82 -26.54 -17.85
CA GLN A 161 -1.80 -26.11 -16.85
C GLN A 161 -2.58 -27.31 -16.33
N PRO A 162 -2.52 -27.62 -15.04
CA PRO A 162 -3.35 -28.70 -14.51
C PRO A 162 -4.83 -28.34 -14.60
N LYS A 163 -5.64 -29.29 -15.07
CA LYS A 163 -7.09 -29.14 -14.95
C LYS A 163 -7.53 -29.28 -13.50
N HIS A 164 -6.81 -30.07 -12.71
CA HIS A 164 -7.16 -30.28 -11.31
C HIS A 164 -5.86 -30.50 -10.56
N LEU A 165 -5.51 -29.53 -9.72
CA LEU A 165 -4.36 -29.59 -8.84
C LEU A 165 -4.84 -30.02 -7.46
N VAL A 166 -4.27 -31.11 -6.93
CA VAL A 166 -4.52 -31.53 -5.56
C VAL A 166 -3.29 -31.15 -4.75
N ILE A 167 -3.51 -30.40 -3.66
CA ILE A 167 -2.42 -29.96 -2.80
C ILE A 167 -2.46 -30.77 -1.52
N VAL A 168 -1.38 -31.52 -1.26
CA VAL A 168 -1.21 -32.23 0.00
C VAL A 168 -0.50 -31.27 0.96
N GLY A 169 -1.24 -30.73 1.92
CA GLY A 169 -0.72 -29.71 2.81
C GLY A 169 -1.64 -28.51 2.81
N GLY A 170 -1.75 -27.85 3.98
CA GLY A 170 -2.66 -26.73 4.13
C GLY A 170 -2.09 -25.52 4.83
N GLY A 171 -0.76 -25.44 4.91
CA GLY A 171 -0.08 -24.31 5.49
C GLY A 171 -0.11 -23.10 4.56
N TYR A 172 0.63 -22.07 4.96
CA TYR A 172 0.50 -20.78 4.27
C TYR A 172 0.93 -20.87 2.81
N ILE A 173 2.08 -21.52 2.54
CA ILE A 173 2.52 -21.63 1.15
C ILE A 173 1.54 -22.48 0.34
N ALA A 174 1.01 -23.57 0.92
CA ALA A 174 0.00 -24.36 0.23
C ALA A 174 -1.21 -23.53 -0.18
N LEU A 175 -1.71 -22.70 0.74
CA LEU A 175 -2.90 -21.89 0.45
C LEU A 175 -2.61 -20.80 -0.58
N GLU A 176 -1.40 -20.24 -0.57
CA GLU A 176 -1.00 -19.31 -1.62
C GLU A 176 -1.07 -19.97 -2.99
N PHE A 177 -0.57 -21.21 -3.11
CA PHE A 177 -0.68 -21.91 -4.37
C PHE A 177 -2.14 -22.19 -4.75
N ALA A 178 -2.98 -22.49 -3.75
CA ALA A 178 -4.38 -22.78 -4.03
C ALA A 178 -5.06 -21.58 -4.69
N SER A 179 -4.94 -20.40 -4.07
CA SER A 179 -5.56 -19.22 -4.66
C SER A 179 -4.88 -18.84 -5.98
N MET A 180 -3.56 -19.00 -6.06
CA MET A 180 -2.82 -18.72 -7.29
C MET A 180 -3.36 -19.54 -8.46
N PHE A 181 -3.52 -20.86 -8.28
CA PHE A 181 -3.98 -21.66 -9.41
C PHE A 181 -5.47 -21.49 -9.67
N ALA A 182 -6.28 -21.29 -8.64
CA ALA A 182 -7.69 -21.02 -8.88
C ALA A 182 -7.87 -19.76 -9.73
N ASN A 183 -7.05 -18.74 -9.48
CA ASN A 183 -7.19 -17.51 -10.23
C ASN A 183 -6.67 -17.63 -11.67
N LEU A 184 -5.91 -18.67 -11.98
CA LEU A 184 -5.50 -18.97 -13.33
C LEU A 184 -6.41 -19.97 -14.02
N GLY A 185 -7.49 -20.40 -13.36
CA GLY A 185 -8.49 -21.25 -13.97
C GLY A 185 -8.38 -22.73 -13.66
N SER A 186 -7.45 -23.15 -12.82
CA SER A 186 -7.35 -24.54 -12.42
C SER A 186 -8.31 -24.83 -11.27
N LYS A 187 -8.87 -26.04 -11.26
CA LYS A 187 -9.58 -26.48 -10.06
C LYS A 187 -8.55 -26.95 -9.04
N VAL A 188 -8.79 -26.64 -7.78
CA VAL A 188 -7.86 -26.94 -6.70
C VAL A 188 -8.58 -27.63 -5.55
N THR A 189 -7.97 -28.69 -5.02
CA THR A 189 -8.41 -29.34 -3.79
C THR A 189 -7.25 -29.27 -2.82
N VAL A 190 -7.53 -28.88 -1.58
CA VAL A 190 -6.50 -28.71 -0.54
C VAL A 190 -6.76 -29.72 0.57
N LEU A 191 -5.73 -30.48 0.95
CA LEU A 191 -5.85 -31.54 1.93
C LEU A 191 -5.00 -31.20 3.13
N GLU A 192 -5.66 -31.00 4.29
CA GLU A 192 -4.98 -30.68 5.53
C GLU A 192 -5.15 -31.84 6.50
N ARG A 193 -4.04 -32.30 7.07
CA ARG A 193 -4.09 -33.44 7.98
C ARG A 193 -4.69 -33.07 9.32
N GLY A 194 -4.50 -31.83 9.76
CA GLY A 194 -5.00 -31.37 11.04
C GLY A 194 -6.46 -30.93 10.98
N GLU A 195 -6.92 -30.42 12.12
CA GLU A 195 -8.36 -30.16 12.28
C GLU A 195 -8.81 -28.82 11.71
N SER A 196 -7.92 -27.90 11.39
CA SER A 196 -8.35 -26.62 10.84
C SER A 196 -7.22 -26.01 10.04
N PHE A 197 -7.59 -25.09 9.14
CA PHE A 197 -6.64 -24.29 8.40
C PHE A 197 -6.23 -23.08 9.23
N MET A 198 -4.98 -22.66 9.06
CA MET A 198 -4.39 -21.50 9.72
C MET A 198 -4.77 -21.45 11.21
N PRO A 199 -4.42 -22.48 11.99
CA PRO A 199 -4.85 -22.51 13.41
C PRO A 199 -4.25 -21.41 14.27
N ARG A 200 -3.12 -20.83 13.89
CA ARG A 200 -2.48 -19.77 14.66
C ARG A 200 -3.04 -18.39 14.37
N GLU A 201 -3.90 -18.26 13.35
CA GLU A 201 -4.45 -16.96 13.02
C GLU A 201 -5.78 -16.74 13.73
N ASP A 202 -6.20 -15.48 13.78
CA ASP A 202 -7.47 -15.12 14.41
C ASP A 202 -8.62 -15.86 13.75
N GLN A 203 -9.46 -16.52 14.55
CA GLN A 203 -10.44 -17.42 13.97
C GLN A 203 -11.60 -16.69 13.29
N ASP A 204 -11.91 -15.46 13.71
CA ASP A 204 -12.91 -14.69 12.97
C ASP A 204 -12.42 -14.42 11.55
N VAL A 205 -11.18 -13.93 11.43
CA VAL A 205 -10.57 -13.67 10.13
C VAL A 205 -10.51 -14.93 9.29
N VAL A 206 -10.03 -16.04 9.88
CA VAL A 206 -9.87 -17.27 9.10
C VAL A 206 -11.21 -17.72 8.52
N ALA A 207 -12.30 -17.52 9.27
CA ALA A 207 -13.61 -17.92 8.77
C ALA A 207 -13.97 -17.15 7.50
N TYR A 208 -13.69 -15.85 7.47
CA TYR A 208 -13.87 -15.10 6.24
C TYR A 208 -12.91 -15.59 5.16
N GLY A 209 -11.67 -15.91 5.52
CA GLY A 209 -10.73 -16.39 4.53
C GLY A 209 -11.16 -17.70 3.89
N ILE A 210 -11.75 -18.59 4.69
CA ILE A 210 -12.21 -19.87 4.17
C ILE A 210 -13.39 -19.68 3.22
N THR A 211 -14.34 -18.83 3.60
CA THR A 211 -15.45 -18.52 2.71
C THR A 211 -14.95 -17.99 1.36
N ASP A 212 -13.95 -17.10 1.40
CA ASP A 212 -13.48 -16.49 0.16
C ASP A 212 -12.72 -17.49 -0.70
N LEU A 213 -11.97 -18.40 -0.08
CA LEU A 213 -11.37 -19.49 -0.85
C LEU A 213 -12.43 -20.37 -1.47
N GLU A 214 -13.45 -20.73 -0.69
CA GLU A 214 -14.48 -21.62 -1.22
C GLU A 214 -15.34 -20.92 -2.27
N ASN A 215 -15.53 -19.60 -2.16
CA ASN A 215 -16.24 -18.91 -3.22
C ASN A 215 -15.45 -18.91 -4.53
N LYS A 216 -14.15 -19.20 -4.48
CA LYS A 216 -13.38 -19.40 -5.70
C LYS A 216 -13.54 -20.79 -6.30
N GLY A 217 -14.30 -21.67 -5.67
CA GLY A 217 -14.41 -23.04 -6.14
C GLY A 217 -13.33 -23.97 -5.63
N ILE A 218 -12.52 -23.51 -4.68
CA ILE A 218 -11.47 -24.35 -4.07
C ILE A 218 -12.12 -25.24 -3.04
N ALA A 219 -11.85 -26.55 -3.11
CA ALA A 219 -12.34 -27.49 -2.12
C ALA A 219 -11.32 -27.64 -1.01
N LEU A 220 -11.78 -27.53 0.24
CA LEU A 220 -10.91 -27.59 1.42
C LEU A 220 -11.33 -28.76 2.30
N HIS A 221 -10.37 -29.59 2.68
CA HIS A 221 -10.64 -30.76 3.52
C HIS A 221 -9.68 -30.78 4.69
N THR A 222 -10.20 -31.02 5.89
CA THR A 222 -9.41 -31.20 7.09
C THR A 222 -9.48 -32.64 7.56
N ASN A 223 -8.59 -32.99 8.49
CA ASN A 223 -8.54 -34.35 9.06
C ASN A 223 -8.23 -35.40 7.99
N VAL A 224 -7.41 -35.00 7.02
CA VAL A 224 -7.08 -35.84 5.87
C VAL A 224 -5.80 -36.61 6.13
N GLU A 225 -5.89 -37.94 6.08
CA GLU A 225 -4.71 -38.79 6.02
C GLU A 225 -4.51 -39.26 4.59
N THR A 226 -3.40 -38.87 3.98
CA THR A 226 -3.06 -39.29 2.62
C THR A 226 -2.25 -40.56 2.71
N THR A 227 -2.80 -41.66 2.19
CA THR A 227 -2.23 -42.98 2.39
C THR A 227 -1.44 -43.51 1.20
N GLU A 228 -1.69 -43.01 -0.01
CA GLU A 228 -1.06 -43.62 -1.18
C GLU A 228 -1.20 -42.67 -2.36
N LEU A 229 -0.21 -42.70 -3.25
CA LEU A 229 -0.28 -42.10 -4.57
C LEU A 229 -0.12 -43.19 -5.63
N SER A 230 -1.00 -43.18 -6.63
CA SER A 230 -0.90 -44.08 -7.79
C SER A 230 -1.08 -43.25 -9.05
N SER A 231 -0.50 -43.69 -10.16
CA SER A 231 -0.61 -42.83 -11.34
C SER A 231 -0.71 -43.63 -12.64
N ASP A 232 -1.39 -42.99 -13.60
CA ASP A 232 -1.52 -43.22 -15.03
C ASP A 232 -0.43 -42.47 -15.79
N ASN A 233 -0.39 -42.67 -17.10
CA ASN A 233 0.37 -41.75 -17.94
C ASN A 233 -0.14 -40.32 -17.85
N HIS A 234 -1.42 -40.13 -17.51
CA HIS A 234 -2.03 -38.79 -17.53
C HIS A 234 -2.56 -38.30 -16.20
N HIS A 235 -2.96 -39.17 -15.27
CA HIS A 235 -3.56 -38.74 -14.02
C HIS A 235 -2.85 -39.40 -12.84
N THR A 236 -3.03 -38.81 -11.66
CA THR A 236 -2.54 -39.36 -10.41
C THR A 236 -3.68 -39.38 -9.41
N THR A 237 -3.85 -40.52 -8.73
CA THR A 237 -4.89 -40.65 -7.72
C THR A 237 -4.27 -40.40 -6.36
N VAL A 238 -4.83 -39.46 -5.62
CA VAL A 238 -4.43 -39.20 -4.24
C VAL A 238 -5.39 -39.98 -3.34
N HIS A 239 -4.89 -41.05 -2.72
CA HIS A 239 -5.70 -41.92 -1.89
C HIS A 239 -5.75 -41.40 -0.46
N THR A 240 -6.95 -41.31 0.09
CA THR A 240 -7.19 -40.57 1.32
C THR A 240 -8.27 -41.28 2.12
N ASN A 241 -8.27 -41.06 3.45
CA ASN A 241 -9.34 -41.59 4.29
C ASN A 241 -10.70 -40.93 4.04
N VAL A 242 -10.75 -39.75 3.42
CA VAL A 242 -12.04 -39.10 3.20
C VAL A 242 -12.62 -39.37 1.81
N ASP A 243 -11.78 -39.75 0.83
CA ASP A 243 -12.13 -40.03 -0.56
C ASP A 243 -10.86 -40.14 -1.37
N ASN A 244 -10.93 -40.73 -2.55
CA ASN A 244 -9.81 -40.65 -3.49
C ASN A 244 -10.04 -39.49 -4.45
N PHE A 245 -8.96 -38.76 -4.74
CA PHE A 245 -9.02 -37.57 -5.59
C PHE A 245 -8.19 -37.80 -6.84
N GLU A 246 -8.83 -37.69 -8.00
CA GLU A 246 -8.16 -37.87 -9.28
C GLU A 246 -7.66 -36.51 -9.74
N ALA A 247 -6.39 -36.42 -10.09
CA ALA A 247 -5.80 -35.12 -10.43
C ALA A 247 -4.86 -35.27 -11.60
N ASP A 248 -4.57 -34.14 -12.24
CA ASP A 248 -3.58 -33.95 -13.30
CA ASP A 248 -3.50 -34.21 -13.23
C ASP A 248 -2.22 -33.53 -12.75
N ALA A 249 -2.17 -33.06 -11.50
CA ALA A 249 -0.96 -32.59 -10.87
C ALA A 249 -1.17 -32.59 -9.37
N VAL A 250 -0.14 -33.00 -8.64
CA VAL A 250 -0.20 -33.03 -7.17
C VAL A 250 0.97 -32.22 -6.65
N LEU A 251 0.67 -31.28 -5.74
CA LEU A 251 1.67 -30.50 -5.04
C LEU A 251 1.84 -31.07 -3.64
N LEU A 252 3.10 -31.37 -3.26
CA LEU A 252 3.43 -31.75 -1.89
C LEU A 252 4.00 -30.51 -1.21
N ALA A 253 3.26 -29.96 -0.25
CA ALA A 253 3.62 -28.70 0.42
C ALA A 253 3.34 -28.86 1.90
N ILE A 254 4.22 -29.59 2.60
CA ILE A 254 4.04 -29.89 4.01
C ILE A 254 5.20 -29.36 4.85
N GLY A 255 5.92 -28.36 4.37
CA GLY A 255 6.99 -27.77 5.14
C GLY A 255 8.31 -27.78 4.39
N ARG A 256 9.29 -27.14 5.02
CA ARG A 256 10.60 -26.91 4.45
C ARG A 256 11.63 -27.08 5.55
N LYS A 257 12.64 -27.93 5.32
CA LYS A 257 13.62 -28.29 6.33
C LYS A 257 14.99 -27.67 6.02
N PRO A 258 15.77 -27.32 7.05
CA PRO A 258 17.10 -26.75 6.78
C PRO A 258 17.97 -27.65 5.91
N ASN A 259 18.70 -27.02 5.00
CA ASN A 259 19.60 -27.73 4.11
C ASN A 259 20.99 -27.74 4.76
N THR A 260 21.34 -28.87 5.38
CA THR A 260 22.59 -28.97 6.12
C THR A 260 23.52 -30.02 5.51
N ASP A 261 23.36 -30.34 4.22
CA ASP A 261 24.15 -31.37 3.55
C ASP A 261 25.57 -30.87 3.29
N LEU A 262 26.34 -30.67 4.36
CA LEU A 262 27.60 -29.93 4.30
C LEU A 262 28.77 -30.74 4.85
N ALA A 263 28.61 -32.04 5.01
CA ALA A 263 29.60 -32.89 5.68
C ALA A 263 29.99 -32.33 7.04
N LEU A 264 28.96 -31.98 7.82
CA LEU A 264 29.20 -31.38 9.13
C LEU A 264 29.86 -32.33 10.11
N GLU A 265 29.86 -33.64 9.83
CA GLU A 265 30.60 -34.60 10.64
C GLU A 265 32.10 -34.32 10.63
N ASN A 266 32.56 -33.51 9.68
CA ASN A 266 33.96 -33.09 9.60
C ASN A 266 34.26 -31.88 10.45
N THR A 267 33.27 -31.38 11.19
CA THR A 267 33.38 -30.15 11.95
C THR A 267 32.81 -30.37 13.33
N ASP A 268 32.84 -29.29 14.13
CA ASP A 268 32.25 -29.25 15.45
C ASP A 268 30.93 -28.48 15.47
N ILE A 269 30.34 -28.27 14.30
CA ILE A 269 29.08 -27.53 14.19
C ILE A 269 27.94 -28.46 14.59
N GLU A 270 27.15 -28.04 15.58
CA GLU A 270 26.06 -28.87 16.06
C GLU A 270 24.72 -28.50 15.43
N LEU A 271 23.84 -29.50 15.33
CA LEU A 271 22.47 -29.31 14.87
C LEU A 271 21.50 -29.42 16.03
N GLY A 272 20.41 -28.66 15.95
CA GLY A 272 19.35 -28.72 16.93
C GLY A 272 18.35 -29.83 16.65
N ASP A 273 17.32 -29.90 17.50
CA ASP A 273 16.35 -31.00 17.42
C ASP A 273 15.48 -30.97 16.17
N ARG A 274 15.46 -29.86 15.42
CA ARG A 274 14.69 -29.82 14.18
C ARG A 274 15.59 -29.73 12.96
N GLY A 275 16.79 -30.29 13.06
CA GLY A 275 17.70 -30.31 11.93
C GLY A 275 18.35 -28.98 11.62
N GLU A 276 18.04 -27.93 12.38
CA GLU A 276 18.64 -26.62 12.14
C GLU A 276 20.06 -26.57 12.70
N ILE A 277 20.87 -25.70 12.09
CA ILE A 277 22.18 -25.41 12.65
C ILE A 277 22.00 -24.57 13.91
N LYS A 278 22.53 -25.02 15.04
CA LYS A 278 22.40 -24.27 16.29
C LYS A 278 23.20 -22.98 16.23
N VAL A 279 22.56 -21.85 16.57
CA VAL A 279 23.26 -20.58 16.66
C VAL A 279 22.92 -19.88 17.97
N ASN A 280 23.82 -19.03 18.42
CA ASN A 280 23.53 -18.14 19.54
C ASN A 280 22.84 -16.88 19.01
N ALA A 281 22.70 -15.85 19.87
CA ALA A 281 21.94 -14.66 19.48
C ALA A 281 22.66 -13.81 18.45
N HIS A 282 23.96 -14.00 18.27
CA HIS A 282 24.75 -13.31 17.25
C HIS A 282 24.91 -14.15 15.98
N LEU A 283 24.18 -15.26 15.88
CA LEU A 283 24.19 -16.19 14.74
C LEU A 283 25.51 -16.94 14.62
N GLN A 284 26.28 -17.03 15.71
CA GLN A 284 27.45 -17.89 15.74
C GLN A 284 27.02 -19.34 15.91
N THR A 285 27.59 -20.24 15.10
CA THR A 285 27.45 -21.67 15.37
C THR A 285 28.32 -22.06 16.57
N THR A 286 28.33 -23.35 16.88
CA THR A 286 29.20 -23.83 17.96
C THR A 286 30.68 -23.77 17.60
N VAL A 287 31.02 -23.43 16.36
CA VAL A 287 32.39 -23.06 15.99
C VAL A 287 32.41 -21.54 15.87
N PRO A 288 33.16 -20.82 16.73
CA PRO A 288 32.93 -19.37 16.86
C PRO A 288 33.16 -18.55 15.59
N HIS A 289 34.04 -18.99 14.69
CA HIS A 289 34.27 -18.20 13.48
C HIS A 289 33.35 -18.58 12.34
N ILE A 290 32.40 -19.49 12.56
CA ILE A 290 31.42 -19.88 11.56
C ILE A 290 30.05 -19.39 12.04
N TYR A 291 29.37 -18.63 11.17
CA TYR A 291 28.03 -18.15 11.40
C TYR A 291 27.06 -18.84 10.47
N ALA A 292 25.78 -18.80 10.82
CA ALA A 292 24.72 -19.32 9.96
C ALA A 292 23.59 -18.30 9.88
N ALA A 293 23.03 -18.15 8.69
CA ALA A 293 22.05 -17.11 8.42
C ALA A 293 20.92 -17.68 7.57
N GLY A 294 19.71 -17.11 7.74
CA GLY A 294 18.58 -17.50 6.94
C GLY A 294 17.88 -18.74 7.45
N ASP A 295 17.20 -19.43 6.53
CA ASP A 295 16.37 -20.57 6.92
C ASP A 295 17.18 -21.67 7.61
N VAL A 296 18.46 -21.80 7.27
CA VAL A 296 19.20 -22.98 7.72
C VAL A 296 19.39 -23.00 9.23
N LYS A 297 19.28 -21.87 9.93
CA LYS A 297 19.48 -21.92 11.38
C LYS A 297 18.17 -22.01 12.14
N GLY A 298 17.08 -22.33 11.44
CA GLY A 298 15.81 -22.65 12.09
C GLY A 298 14.96 -21.41 12.28
N GLY A 299 13.80 -21.63 12.87
CA GLY A 299 12.91 -20.50 13.16
C GLY A 299 12.22 -20.01 11.90
N LEU A 300 11.78 -18.75 11.95
CA LEU A 300 10.99 -18.17 10.86
C LEU A 300 11.73 -18.19 9.53
N GLN A 301 11.01 -18.58 8.46
CA GLN A 301 11.57 -18.67 7.11
C GLN A 301 10.96 -17.55 6.27
N PHE A 302 11.60 -16.38 6.30
CA PHE A 302 11.20 -15.23 5.48
C PHE A 302 12.44 -14.60 4.87
N THR A 303 12.29 -14.04 3.67
CA THR A 303 13.44 -13.40 3.03
C THR A 303 13.98 -12.27 3.88
N TYR A 304 13.08 -11.53 4.54
CA TYR A 304 13.47 -10.40 5.36
C TYR A 304 14.06 -10.80 6.71
N ILE A 305 13.87 -12.04 7.14
CA ILE A 305 14.63 -12.51 8.30
C ILE A 305 16.06 -12.81 7.90
N SER A 306 16.25 -13.41 6.72
CA SER A 306 17.60 -13.60 6.23
C SER A 306 18.28 -12.24 6.00
N LEU A 307 17.55 -11.26 5.45
CA LEU A 307 18.15 -9.93 5.35
C LEU A 307 18.51 -9.37 6.73
N ASP A 308 17.63 -9.53 7.73
CA ASP A 308 18.00 -9.04 9.05
C ASP A 308 19.14 -9.86 9.66
N ASP A 309 19.29 -11.12 9.26
CA ASP A 309 20.45 -11.88 9.69
C ASP A 309 21.75 -11.28 9.18
N TYR A 310 21.73 -10.75 7.95
CA TYR A 310 22.88 -9.99 7.47
C TYR A 310 23.22 -8.84 8.41
N ARG A 311 22.19 -8.14 8.90
CA ARG A 311 22.43 -7.01 9.80
C ARG A 311 23.10 -7.47 11.10
N ILE A 312 22.69 -8.63 11.61
CA ILE A 312 23.27 -9.15 12.85
C ILE A 312 24.71 -9.56 12.64
N ILE A 313 25.00 -10.24 11.53
CA ILE A 313 26.37 -10.72 11.32
C ILE A 313 27.29 -9.55 10.97
N LYS A 314 26.76 -8.57 10.24
CA LYS A 314 27.55 -7.36 9.96
C LYS A 314 27.89 -6.64 11.25
N SER A 315 26.91 -6.52 12.16
CA SER A 315 27.19 -5.89 13.45
C SER A 315 28.23 -6.70 14.23
N ALA A 316 28.18 -8.03 14.12
CA ALA A 316 29.13 -8.87 14.87
C ALA A 316 30.54 -8.73 14.35
N LEU A 317 30.72 -8.81 13.03
CA LEU A 317 32.05 -8.85 12.42
C LEU A 317 32.65 -7.48 12.14
N TYR A 318 31.82 -6.46 11.92
CA TYR A 318 32.29 -5.14 11.53
C TYR A 318 31.82 -4.01 12.42
N GLY A 319 30.80 -4.23 13.25
CA GLY A 319 30.18 -3.15 13.99
C GLY A 319 30.32 -3.27 15.49
N ASN A 320 29.35 -2.74 16.23
CA ASN A 320 29.43 -2.71 17.69
C ASN A 320 28.82 -3.94 18.34
N GLN A 321 28.38 -4.92 17.53
CA GLN A 321 27.88 -6.21 18.00
C GLN A 321 26.60 -6.07 18.81
N SER A 322 25.89 -4.94 18.72
CA SER A 322 24.72 -4.76 19.57
C SER A 322 23.51 -5.46 18.98
N ARG A 323 23.61 -5.90 17.76
CA ARG A 323 22.47 -6.35 17.02
C ARG A 323 22.39 -7.87 17.23
N THR A 324 21.21 -8.39 17.60
CA THR A 324 21.05 -9.83 17.89
C THR A 324 19.69 -10.32 17.38
N THR A 325 19.46 -11.63 17.52
CA THR A 325 18.11 -12.17 17.25
C THR A 325 17.11 -11.78 18.33
N ASP A 326 17.54 -11.14 19.42
CA ASP A 326 16.63 -10.72 20.47
C ASP A 326 16.16 -9.27 20.32
N ASN A 327 16.69 -8.51 19.36
CA ASN A 327 16.21 -7.13 19.16
C ASN A 327 15.93 -6.85 17.70
N ARG A 328 15.27 -7.80 17.03
CA ARG A 328 14.83 -7.58 15.66
C ARG A 328 13.70 -6.58 15.57
N GLY A 329 12.93 -6.39 16.63
CA GLY A 329 11.66 -5.70 16.51
C GLY A 329 10.55 -6.65 16.11
N SER A 330 9.35 -6.10 15.98
CA SER A 330 8.21 -6.96 15.65
C SER A 330 8.31 -7.44 14.21
N VAL A 331 8.01 -8.72 14.00
CA VAL A 331 8.21 -9.35 12.70
C VAL A 331 6.84 -9.51 12.03
N PRO A 332 6.50 -8.70 11.04
CA PRO A 332 5.22 -8.85 10.34
C PRO A 332 5.33 -9.98 9.32
N TYR A 333 4.17 -10.42 8.84
CA TYR A 333 4.18 -11.37 7.73
C TYR A 333 2.85 -11.30 6.98
N THR A 334 2.87 -11.89 5.78
CA THR A 334 1.73 -11.84 4.88
C THR A 334 1.49 -13.23 4.33
N VAL A 335 0.25 -13.70 4.43
CA VAL A 335 -0.21 -14.90 3.73
C VAL A 335 -0.87 -14.41 2.45
N PHE A 336 -0.24 -14.70 1.31
CA PHE A 336 -0.70 -14.15 0.03
C PHE A 336 -1.82 -14.99 -0.59
N ILE A 337 -2.89 -15.22 0.17
CA ILE A 337 -4.17 -15.60 -0.42
C ILE A 337 -4.79 -14.34 -1.00
N ASP A 338 -6.04 -14.42 -1.44
CA ASP A 338 -6.68 -13.36 -2.20
C ASP A 338 -7.98 -12.96 -1.50
N PRO A 339 -8.02 -11.83 -0.78
CA PRO A 339 -6.98 -10.80 -0.59
C PRO A 339 -5.93 -11.25 0.41
N PRO A 340 -4.81 -10.55 0.54
CA PRO A 340 -3.75 -11.03 1.45
C PRO A 340 -4.12 -10.87 2.92
N LEU A 341 -3.70 -11.84 3.73
CA LEU A 341 -3.88 -11.81 5.18
C LEU A 341 -2.54 -11.41 5.79
N SER A 342 -2.45 -10.19 6.31
CA SER A 342 -1.19 -9.72 6.88
C SER A 342 -1.31 -9.61 8.40
N ARG A 343 -0.22 -9.87 9.09
CA ARG A 343 -0.27 -9.93 10.54
C ARG A 343 1.01 -9.38 11.15
N VAL A 344 0.88 -8.75 12.33
CA VAL A 344 2.02 -8.48 13.19
C VAL A 344 1.55 -8.58 14.63
N GLY A 345 2.45 -9.02 15.52
CA GLY A 345 2.09 -9.07 16.93
C GLY A 345 1.05 -10.14 17.23
N LEU A 346 0.28 -9.90 18.30
CA LEU A 346 -0.58 -10.91 18.90
C LEU A 346 -1.98 -10.92 18.29
N THR A 347 -2.61 -12.09 18.34
CA THR A 347 -4.06 -12.21 18.19
C THR A 347 -4.74 -11.94 19.52
N SER A 348 -6.06 -11.71 19.45
CA SER A 348 -6.87 -11.60 20.66
C SER A 348 -6.72 -12.83 21.53
N LYS A 349 -6.79 -14.00 20.92
CA LYS A 349 -6.66 -15.25 21.66
C LYS A 349 -5.32 -15.30 22.41
N GLU A 350 -4.23 -14.96 21.73
CA GLU A 350 -2.92 -14.93 22.37
C GLU A 350 -2.86 -13.88 23.47
N ALA A 351 -3.43 -12.70 23.23
CA ALA A 351 -3.42 -11.66 24.25
C ALA A 351 -4.14 -12.12 25.51
N ALA A 352 -5.29 -12.77 25.35
CA ALA A 352 -6.01 -13.32 26.50
C ALA A 352 -5.20 -14.41 27.19
N ALA A 353 -4.54 -15.26 26.40
CA ALA A 353 -3.76 -16.35 27.01
C ALA A 353 -2.57 -15.81 27.79
N GLN A 354 -1.95 -14.74 27.32
CA GLN A 354 -0.80 -14.14 27.98
C GLN A 354 -1.21 -13.12 29.03
N HIS A 355 -2.49 -13.11 29.43
CA HIS A 355 -2.99 -12.41 30.62
C HIS A 355 -3.02 -10.89 30.47
N TYR A 356 -3.12 -10.37 29.24
CA TYR A 356 -3.26 -8.93 29.06
C TYR A 356 -4.68 -8.45 29.36
N ASP A 357 -4.76 -7.22 29.84
CA ASP A 357 -6.01 -6.46 29.88
C ASP A 357 -6.09 -5.75 28.53
N TYR A 358 -6.78 -6.37 27.58
CA TYR A 358 -6.72 -5.96 26.17
C TYR A 358 -8.10 -5.53 25.69
N THR A 359 -8.11 -4.87 24.53
CA THR A 359 -9.33 -4.58 23.80
C THR A 359 -9.11 -4.98 22.35
N GLU A 360 -10.07 -5.70 21.77
CA GLU A 360 -10.06 -5.94 20.33
C GLU A 360 -11.08 -5.03 19.65
N HIS A 361 -10.84 -4.78 18.37
CA HIS A 361 -11.79 -4.02 17.56
C HIS A 361 -11.62 -4.45 16.12
N GLN A 362 -12.71 -4.42 15.36
CA GLN A 362 -12.63 -4.90 13.99
C GLN A 362 -13.38 -3.96 13.05
N LEU A 363 -13.05 -4.10 11.77
CA LEU A 363 -13.65 -3.30 10.70
C LEU A 363 -13.73 -4.17 9.46
N LEU A 364 -14.94 -4.45 8.98
CA LEU A 364 -15.10 -5.17 7.71
C LEU A 364 -14.63 -4.32 6.55
N VAL A 365 -14.00 -4.95 5.57
CA VAL A 365 -13.54 -4.20 4.40
C VAL A 365 -14.75 -3.62 3.66
N SER A 366 -15.91 -4.29 3.75
CA SER A 366 -17.12 -3.74 3.13
C SER A 366 -17.58 -2.45 3.78
N ALA A 367 -17.08 -2.13 4.96
CA ALA A 367 -17.35 -0.85 5.61
C ALA A 367 -16.32 0.22 5.29
N ILE A 368 -15.33 -0.10 4.45
CA ILE A 368 -14.27 0.82 4.08
C ILE A 368 -14.61 1.39 2.70
N PRO A 369 -14.87 2.70 2.57
CA PRO A 369 -15.35 3.21 1.28
C PRO A 369 -14.41 2.94 0.12
N ARG A 370 -13.09 2.92 0.36
CA ARG A 370 -12.16 2.59 -0.70
C ARG A 370 -12.42 1.20 -1.32
N HIS A 371 -13.09 0.29 -0.60
CA HIS A 371 -13.37 -1.03 -1.19
C HIS A 371 -14.25 -0.90 -2.43
N LYS A 372 -15.08 0.16 -2.50
CA LYS A 372 -15.91 0.37 -3.68
C LYS A 372 -15.06 0.72 -4.89
N ILE A 373 -14.02 1.54 -4.68
CA ILE A 373 -13.10 1.85 -5.77
C ILE A 373 -12.37 0.58 -6.22
N ASN A 374 -11.95 -0.27 -5.26
CA ASN A 374 -11.27 -1.53 -5.55
C ASN A 374 -12.15 -2.55 -6.23
N ASN A 375 -13.47 -2.39 -6.15
CA ASN A 375 -14.42 -3.40 -6.62
C ASN A 375 -14.22 -4.73 -5.88
N ASP A 376 -14.01 -4.64 -4.56
CA ASP A 376 -13.73 -5.83 -3.78
C ASP A 376 -14.19 -5.61 -2.34
N PRO A 377 -15.29 -6.22 -1.91
CA PRO A 377 -15.79 -6.03 -0.54
C PRO A 377 -15.23 -7.03 0.47
N ARG A 378 -14.37 -7.94 0.04
CA ARG A 378 -13.89 -9.02 0.91
C ARG A 378 -12.83 -8.53 1.88
N GLY A 379 -12.93 -9.02 3.12
CA GLY A 379 -11.88 -8.81 4.08
C GLY A 379 -12.34 -8.39 5.46
N LEU A 380 -11.43 -8.43 6.43
CA LEU A 380 -11.69 -8.03 7.80
C LEU A 380 -10.38 -7.54 8.39
N PHE A 381 -10.40 -6.34 8.97
CA PHE A 381 -9.27 -5.77 9.69
C PHE A 381 -9.56 -5.87 11.18
N LYS A 382 -8.58 -6.33 11.96
CA LYS A 382 -8.81 -6.53 13.39
C LYS A 382 -7.55 -6.11 14.13
N VAL A 383 -7.72 -5.41 15.26
CA VAL A 383 -6.58 -4.95 16.05
C VAL A 383 -6.79 -5.28 17.51
N VAL A 384 -5.68 -5.41 18.23
CA VAL A 384 -5.67 -5.73 19.66
C VAL A 384 -4.75 -4.73 20.35
N ILE A 385 -5.26 -4.05 21.37
CA ILE A 385 -4.45 -3.07 22.08
C ILE A 385 -4.37 -3.45 23.55
N ASN A 386 -3.32 -2.97 24.19
CA ASN A 386 -3.10 -3.16 25.62
C ASN A 386 -3.74 -2.00 26.37
N ASN A 387 -4.76 -2.30 27.18
CA ASN A 387 -5.44 -1.24 27.91
C ASN A 387 -4.56 -0.58 28.97
N GLU A 388 -3.45 -1.22 29.36
CA GLU A 388 -2.60 -0.62 30.40
C GLU A 388 -1.91 0.65 29.91
N ASN A 389 -1.53 0.68 28.63
CA ASN A 389 -0.68 1.74 28.12
C ASN A 389 -1.12 2.26 26.77
N ASN A 390 -2.21 1.73 26.20
CA ASN A 390 -2.76 2.11 24.91
C ASN A 390 -1.83 1.80 23.75
N MET A 391 -0.83 0.97 23.98
CA MET A 391 0.01 0.44 22.90
C MET A 391 -0.71 -0.67 22.15
N ILE A 392 -0.28 -0.87 20.90
CA ILE A 392 -0.84 -1.91 20.04
C ILE A 392 -0.14 -3.23 20.33
N LEU A 393 -0.92 -4.27 20.59
CA LEU A 393 -0.38 -5.61 20.79
C LEU A 393 -0.28 -6.42 19.49
N GLY A 394 -1.19 -6.21 18.55
CA GLY A 394 -1.13 -6.93 17.30
C GLY A 394 -2.22 -6.45 16.37
N ALA A 395 -2.11 -6.88 15.12
CA ALA A 395 -3.14 -6.59 14.14
C ALA A 395 -3.16 -7.70 13.10
N THR A 396 -4.36 -7.96 12.58
CA THR A 396 -4.55 -8.86 11.46
C THR A 396 -5.30 -8.06 10.40
N LEU A 397 -4.65 -7.82 9.28
CA LEU A 397 -5.29 -7.05 8.20
C LEU A 397 -5.52 -8.00 7.03
N TYR A 398 -6.78 -8.41 6.84
CA TYR A 398 -7.13 -9.32 5.75
C TYR A 398 -7.90 -8.51 4.71
N GLY A 399 -7.25 -8.20 3.59
CA GLY A 399 -7.86 -7.31 2.60
C GLY A 399 -6.81 -6.67 1.71
N LYS A 400 -7.29 -6.02 0.65
CA LYS A 400 -6.35 -5.42 -0.31
C LYS A 400 -5.44 -4.39 0.33
N GLN A 401 -4.19 -4.37 -0.13
CA GLN A 401 -3.10 -3.49 0.31
C GLN A 401 -2.56 -3.86 1.69
N SER A 402 -2.99 -4.97 2.28
CA SER A 402 -2.59 -5.26 3.65
C SER A 402 -1.10 -5.53 3.75
N GLU A 403 -0.50 -6.05 2.67
CA GLU A 403 0.93 -6.32 2.72
C GLU A 403 1.75 -5.04 2.79
N GLU A 404 1.20 -3.90 2.36
CA GLU A 404 1.84 -2.62 2.61
C GLU A 404 1.43 -2.01 3.95
N LEU A 405 0.13 -2.06 4.26
CA LEU A 405 -0.38 -1.40 5.46
C LEU A 405 0.20 -1.99 6.73
N ILE A 406 0.43 -3.31 6.76
CA ILE A 406 0.88 -3.93 8.01
C ILE A 406 2.19 -3.30 8.49
N ASN A 407 2.97 -2.70 7.58
CA ASN A 407 4.23 -2.07 7.99
C ASN A 407 4.02 -0.81 8.81
N ILE A 408 2.87 -0.14 8.63
CA ILE A 408 2.58 1.00 9.49
C ILE A 408 2.43 0.55 10.93
N ILE A 409 1.73 -0.56 11.13
CA ILE A 409 1.45 -1.03 12.48
C ILE A 409 2.72 -1.62 13.11
N LYS A 410 3.55 -2.27 12.31
CA LYS A 410 4.85 -2.72 12.81
C LYS A 410 5.64 -1.56 13.39
N LEU A 411 5.73 -0.46 12.63
CA LEU A 411 6.48 0.70 13.10
C LEU A 411 5.88 1.25 14.39
N ALA A 412 4.55 1.33 14.49
CA ALA A 412 3.92 1.86 15.70
C ALA A 412 4.22 0.99 16.91
N ILE A 413 4.17 -0.34 16.75
CA ILE A 413 4.49 -1.22 17.87
C ILE A 413 5.93 -1.00 18.33
N ASP A 414 6.87 -0.98 17.39
CA ASP A 414 8.29 -0.87 17.76
C ASP A 414 8.58 0.46 18.43
N GLN A 415 7.99 1.54 17.94
CA GLN A 415 8.31 2.87 18.40
C GLN A 415 7.39 3.37 19.50
N ASN A 416 6.56 2.47 20.07
CA ASN A 416 5.66 2.81 21.18
C ASN A 416 4.77 4.02 20.84
N ILE A 417 4.14 3.94 19.67
CA ILE A 417 3.14 4.93 19.26
C ILE A 417 1.78 4.40 19.68
N PRO A 418 1.06 5.10 20.54
CA PRO A 418 -0.21 4.56 21.04
C PRO A 418 -1.26 4.52 19.95
N TYR A 419 -2.24 3.63 20.11
CA TYR A 419 -3.22 3.42 19.05
C TYR A 419 -4.01 4.69 18.75
N THR A 420 -4.07 5.61 19.71
CA THR A 420 -4.82 6.85 19.51
C THR A 420 -4.17 7.77 18.49
N VAL A 421 -2.85 7.69 18.32
CA VAL A 421 -2.18 8.48 17.28
C VAL A 421 -2.61 8.00 15.89
N LEU A 422 -2.69 6.68 15.71
CA LEU A 422 -3.14 6.15 14.43
C LEU A 422 -4.63 6.42 14.22
N ARG A 423 -5.41 6.47 15.31
CA ARG A 423 -6.82 6.81 15.20
C ARG A 423 -7.01 8.24 14.68
N ASP A 424 -6.19 9.17 15.16
CA ASP A 424 -6.44 10.60 14.93
C ASP A 424 -5.63 11.17 13.76
N ASN A 425 -4.82 10.36 13.09
CA ASN A 425 -3.92 10.91 12.10
C ASN A 425 -4.62 11.31 10.80
N ILE A 426 -4.00 12.22 10.09
CA ILE A 426 -4.40 12.58 8.73
C ILE A 426 -3.80 11.57 7.76
N TYR A 427 -4.65 10.91 6.97
CA TYR A 427 -4.21 9.96 5.97
C TYR A 427 -4.59 10.45 4.58
N THR A 428 -3.85 9.99 3.56
CA THR A 428 -4.28 10.32 2.21
C THR A 428 -5.62 9.63 1.90
N HIS A 429 -6.24 10.08 0.80
CA HIS A 429 -7.63 9.77 0.47
C HIS A 429 -7.79 9.82 -1.03
N PRO A 430 -8.50 8.85 -1.64
CA PRO A 430 -9.11 7.66 -1.05
C PRO A 430 -8.15 6.48 -1.04
N THR A 431 -7.91 5.89 0.14
CA THR A 431 -6.88 4.87 0.32
C THR A 431 -7.41 3.79 1.24
N MET A 432 -6.66 2.69 1.34
CA MET A 432 -6.95 1.72 2.38
C MET A 432 -6.41 2.19 3.73
N ALA A 433 -5.33 2.96 3.71
CA ALA A 433 -4.70 3.39 4.95
C ALA A 433 -5.64 4.25 5.80
N GLU A 434 -6.45 5.11 5.17
CA GLU A 434 -7.30 5.97 5.97
C GLU A 434 -8.36 5.20 6.76
N SER A 435 -8.56 3.92 6.48
CA SER A 435 -9.43 3.10 7.32
C SER A 435 -8.94 3.05 8.76
N PHE A 436 -7.67 3.35 9.01
CA PHE A 436 -7.17 3.40 10.38
C PHE A 436 -7.92 4.42 11.23
N ASN A 437 -8.48 5.49 10.63
CA ASN A 437 -9.30 6.42 11.40
C ASN A 437 -10.49 5.72 12.04
N ASP A 438 -11.01 4.67 11.40
CA ASP A 438 -12.14 3.92 11.94
C ASP A 438 -11.71 2.65 12.67
N LEU A 439 -10.71 1.95 12.14
CA LEU A 439 -10.21 0.72 12.76
C LEU A 439 -9.76 0.97 14.20
N PHE A 440 -9.13 2.13 14.45
CA PHE A 440 -8.62 2.44 15.78
C PHE A 440 -9.54 3.37 16.57
N ASN A 441 -10.78 3.55 16.12
CA ASN A 441 -11.74 4.43 16.79
C ASN A 441 -12.59 3.60 17.74
N PHE A 442 -12.07 3.38 18.95
CA PHE A 442 -12.77 2.54 19.90
C PHE A 442 -12.22 2.82 21.28
N HIS A 443 -12.93 2.31 22.28
CA HIS A 443 -12.62 2.52 23.69
C HIS A 443 -12.32 1.18 24.34
N HIS A 444 -11.75 1.25 25.55
CA HIS A 444 -11.38 0.03 26.27
C HIS A 444 -12.59 -0.85 26.52
N HIS A 445 -12.37 -2.17 26.44
CA HIS A 445 -13.30 -3.15 26.99
C HIS A 445 -12.42 -3.97 27.92
N HIS A 446 -12.50 -3.72 29.22
CA HIS A 446 -11.54 -4.32 30.14
C HIS A 446 -11.83 -5.79 30.40
N HIS A 447 -10.76 -6.59 30.40
CA HIS A 447 -10.82 -8.01 30.68
C HIS A 447 -9.98 -8.31 31.93
N GLY B 2 -35.36 31.30 13.27
CA GLY B 2 -35.41 31.44 14.71
C GLY B 2 -36.60 30.67 15.22
N MET B 3 -37.51 30.36 14.29
CA MET B 3 -38.72 29.62 14.64
C MET B 3 -38.36 28.28 15.30
N LYS B 4 -37.68 27.40 14.55
CA LYS B 4 -37.26 26.12 15.12
C LYS B 4 -35.83 26.25 15.65
N THR B 5 -35.62 25.80 16.88
CA THR B 5 -34.32 25.87 17.53
C THR B 5 -33.68 24.50 17.58
N TYR B 6 -32.38 24.47 17.33
CA TYR B 6 -31.57 23.27 17.40
C TYR B 6 -30.42 23.52 18.37
N ASP B 7 -29.70 22.46 18.71
CA ASP B 7 -28.48 22.68 19.47
C ASP B 7 -27.33 23.06 18.56
N LEU B 8 -27.36 22.59 17.32
CA LEU B 8 -26.25 22.77 16.39
C LEU B 8 -26.83 22.81 14.98
N ILE B 9 -26.33 23.72 14.15
CA ILE B 9 -26.67 23.79 12.75
C ILE B 9 -25.40 23.60 11.94
N VAL B 10 -25.46 22.68 10.97
CA VAL B 10 -24.40 22.47 9.99
C VAL B 10 -24.96 22.87 8.64
N ILE B 11 -24.29 23.81 7.96
CA ILE B 11 -24.67 24.22 6.62
C ILE B 11 -23.79 23.47 5.64
N GLY B 12 -24.38 22.53 4.92
CA GLY B 12 -23.66 21.72 3.95
C GLY B 12 -23.39 20.32 4.46
N PHE B 13 -23.67 19.32 3.63
CA PHE B 13 -23.44 17.90 3.92
C PHE B 13 -22.01 17.49 3.55
N GLY B 14 -21.02 18.27 4.00
CA GLY B 14 -19.64 18.02 3.69
C GLY B 14 -18.99 17.04 4.65
N LYS B 15 -17.67 16.89 4.52
CA LYS B 15 -16.96 15.90 5.32
C LYS B 15 -16.94 16.29 6.81
N ALA B 16 -16.35 17.44 7.13
CA ALA B 16 -16.38 17.93 8.50
C ALA B 16 -17.80 17.98 9.05
N GLY B 17 -18.74 18.44 8.22
CA GLY B 17 -20.11 18.65 8.68
C GLY B 17 -20.84 17.37 9.05
N LYS B 18 -20.78 16.36 8.18
CA LYS B 18 -21.51 15.13 8.49
C LYS B 18 -20.85 14.37 9.64
N THR B 19 -19.53 14.48 9.78
CA THR B 19 -18.82 13.82 10.87
C THR B 19 -19.13 14.49 12.20
N LEU B 20 -19.18 15.83 12.19
CA LEU B 20 -19.51 16.56 13.42
C LEU B 20 -20.97 16.37 13.80
N ALA B 21 -21.86 16.32 12.82
CA ALA B 21 -23.28 16.15 13.10
C ALA B 21 -23.53 14.82 13.79
N LYS B 22 -22.94 13.74 13.27
CA LYS B 22 -23.12 12.44 13.89
C LYS B 22 -22.53 12.40 15.30
N TYR B 23 -21.38 13.04 15.51
CA TYR B 23 -20.81 13.06 16.86
C TYR B 23 -21.70 13.82 17.82
N ALA B 24 -22.16 15.01 17.41
CA ALA B 24 -23.01 15.80 18.28
C ALA B 24 -24.28 15.04 18.64
N ALA B 25 -24.89 14.35 17.66
CA ALA B 25 -26.09 13.58 17.95
C ALA B 25 -25.81 12.49 18.97
N SER B 26 -24.61 11.88 18.92
CA SER B 26 -24.27 10.82 19.87
C SER B 26 -24.16 11.34 21.29
N THR B 27 -24.01 12.65 21.49
CA THR B 27 -24.02 13.22 22.83
C THR B 27 -25.42 13.60 23.29
N GLY B 28 -26.43 13.43 22.46
CA GLY B 28 -27.77 13.83 22.79
C GLY B 28 -28.20 15.18 22.25
N GLN B 29 -27.37 15.82 21.43
CA GLN B 29 -27.73 17.11 20.86
C GLN B 29 -28.58 16.94 19.61
N HIS B 30 -29.53 17.86 19.43
CA HIS B 30 -30.37 17.87 18.24
C HIS B 30 -29.70 18.74 17.18
N VAL B 31 -29.46 18.15 16.01
CA VAL B 31 -28.64 18.76 14.97
C VAL B 31 -29.48 18.93 13.72
N ALA B 32 -29.32 20.06 13.05
CA ALA B 32 -29.86 20.29 11.72
C ALA B 32 -28.71 20.33 10.74
N VAL B 33 -28.81 19.52 9.69
CA VAL B 33 -27.87 19.56 8.58
C VAL B 33 -28.64 20.03 7.35
N ILE B 34 -28.25 21.18 6.82
CA ILE B 34 -28.93 21.80 5.69
C ILE B 34 -28.14 21.44 4.44
N GLU B 35 -28.79 20.84 3.46
CA GLU B 35 -28.12 20.46 2.22
C GLU B 35 -29.02 20.83 1.05
N GLN B 36 -28.47 21.55 0.09
CA GLN B 36 -29.28 22.09 -0.98
C GLN B 36 -29.58 21.09 -2.09
N SER B 37 -28.85 19.98 -2.18
CA SER B 37 -29.11 19.03 -3.26
C SER B 37 -29.10 17.58 -2.82
N PRO B 38 -30.14 16.81 -3.14
CA PRO B 38 -30.12 15.37 -2.83
C PRO B 38 -29.03 14.62 -3.58
N LYS B 39 -28.49 15.18 -4.66
CA LYS B 39 -27.37 14.59 -5.36
C LYS B 39 -26.05 14.79 -4.61
N MET B 40 -26.10 15.48 -3.48
CA MET B 40 -24.88 15.82 -2.75
C MET B 40 -24.89 15.24 -1.34
N TYR B 41 -25.77 14.29 -1.04
CA TYR B 41 -25.72 13.63 0.26
C TYR B 41 -24.39 12.92 0.42
N GLY B 42 -23.63 13.29 1.44
CA GLY B 42 -22.30 12.78 1.66
C GLY B 42 -21.20 13.70 1.17
N GLY B 43 -21.54 14.74 0.41
CA GLY B 43 -20.56 15.75 0.04
C GLY B 43 -19.91 15.53 -1.30
N THR B 44 -18.89 16.38 -1.53
CA THR B 44 -18.18 16.38 -2.81
C THR B 44 -17.39 15.08 -2.99
N SER B 45 -16.73 14.59 -1.94
CA SER B 45 -15.93 13.37 -2.08
C SER B 45 -16.75 12.20 -2.59
N ILE B 46 -17.96 12.02 -2.04
CA ILE B 46 -18.82 10.90 -2.40
C ILE B 46 -19.37 11.06 -3.83
N ASN B 47 -19.78 12.28 -4.20
CA ASN B 47 -20.67 12.42 -5.34
C ASN B 47 -20.02 12.97 -6.59
N ILE B 48 -19.05 13.88 -6.49
CA ILE B 48 -18.55 14.59 -7.67
C ILE B 48 -17.05 14.80 -7.58
N GLY B 49 -16.37 14.05 -6.72
CA GLY B 49 -14.96 14.29 -6.51
C GLY B 49 -14.16 13.01 -6.38
N CYS B 50 -13.58 12.81 -5.19
CA CYS B 50 -12.60 11.75 -4.95
C CYS B 50 -13.11 10.36 -5.34
N ILE B 51 -14.30 9.99 -4.87
CA ILE B 51 -14.76 8.62 -5.04
C ILE B 51 -15.07 8.34 -6.50
N PRO B 52 -15.93 9.12 -7.18
CA PRO B 52 -16.16 8.81 -8.61
C PRO B 52 -14.90 8.89 -9.44
N SER B 53 -14.06 9.91 -9.23
CA SER B 53 -12.86 10.05 -10.05
C SER B 53 -11.93 8.87 -9.89
N LYS B 54 -11.67 8.44 -8.65
CA LYS B 54 -10.72 7.34 -8.50
C LYS B 54 -11.34 5.99 -8.85
N THR B 55 -12.67 5.88 -8.82
CA THR B 55 -13.32 4.71 -9.41
C THR B 55 -12.96 4.59 -10.88
N LEU B 56 -13.05 5.71 -11.62
CA LEU B 56 -12.70 5.71 -13.03
C LEU B 56 -11.21 5.47 -13.24
N VAL B 57 -10.35 6.07 -12.41
CA VAL B 57 -8.92 5.79 -12.47
C VAL B 57 -8.66 4.29 -12.28
N HIS B 58 -9.20 3.71 -11.22
CA HIS B 58 -9.00 2.30 -10.91
C HIS B 58 -9.43 1.41 -12.07
N ASP B 59 -10.66 1.59 -12.54
CA ASP B 59 -11.19 0.70 -13.57
C ASP B 59 -10.48 0.89 -14.91
N GLY B 60 -10.01 2.10 -15.20
CA GLY B 60 -9.24 2.32 -16.42
C GLY B 60 -7.89 1.64 -16.40
N LEU B 61 -7.25 1.58 -15.22
CA LEU B 61 -5.99 0.86 -15.12
C LEU B 61 -6.18 -0.63 -15.36
N GLU B 62 -7.37 -1.15 -15.09
CA GLU B 62 -7.67 -2.55 -15.34
C GLU B 62 -8.03 -2.82 -16.79
N GLY B 63 -8.10 -1.78 -17.62
CA GLY B 63 -8.48 -1.95 -19.01
C GLY B 63 -9.96 -2.05 -19.24
N LYS B 64 -10.78 -1.69 -18.26
CA LYS B 64 -12.23 -1.69 -18.45
C LYS B 64 -12.64 -0.58 -19.41
N SER B 65 -13.75 -0.80 -20.12
CA SER B 65 -14.16 0.18 -21.11
C SER B 65 -14.67 1.44 -20.44
N PHE B 66 -14.75 2.49 -21.25
CA PHE B 66 -15.37 3.74 -20.81
C PHE B 66 -16.78 3.49 -20.30
N GLU B 67 -17.60 2.79 -21.10
CA GLU B 67 -19.00 2.55 -20.73
C GLU B 67 -19.10 1.75 -19.42
N ALA B 68 -18.36 0.64 -19.33
CA ALA B 68 -18.44 -0.17 -18.13
C ALA B 68 -17.95 0.60 -16.90
N SER B 69 -16.93 1.44 -17.09
CA SER B 69 -16.38 2.19 -15.97
C SER B 69 -17.36 3.26 -15.49
N TYR B 70 -17.94 4.01 -16.43
CA TYR B 70 -18.92 5.03 -16.05
C TYR B 70 -20.16 4.40 -15.43
N ASN B 71 -20.59 3.23 -15.90
CA ASN B 71 -21.74 2.56 -15.31
C ASN B 71 -21.47 2.12 -13.88
N ARG B 72 -20.29 1.55 -13.63
CA ARG B 72 -19.97 1.15 -12.26
C ARG B 72 -19.75 2.36 -11.35
N LYS B 73 -19.21 3.46 -11.90
CA LYS B 73 -19.09 4.68 -11.13
C LYS B 73 -20.46 5.15 -10.65
N ASN B 74 -21.48 5.07 -11.50
CA ASN B 74 -22.81 5.50 -11.09
C ASN B 74 -23.34 4.62 -9.98
N ASP B 75 -23.09 3.31 -10.05
CA ASP B 75 -23.53 2.42 -8.98
C ASP B 75 -22.83 2.74 -7.68
N VAL B 76 -21.52 3.00 -7.74
CA VAL B 76 -20.76 3.31 -6.53
C VAL B 76 -21.28 4.58 -5.88
N VAL B 77 -21.46 5.64 -6.67
CA VAL B 77 -21.91 6.92 -6.13
C VAL B 77 -23.29 6.79 -5.53
N ASN B 78 -24.22 6.16 -6.27
CA ASN B 78 -25.58 5.98 -5.77
C ASN B 78 -25.59 5.22 -4.45
N ALA B 79 -24.79 4.15 -4.34
CA ALA B 79 -24.78 3.37 -3.11
C ALA B 79 -24.26 4.19 -1.94
N LEU B 80 -23.17 4.93 -2.13
CA LEU B 80 -22.59 5.67 -1.02
C LEU B 80 -23.37 6.94 -0.69
N ASN B 81 -23.98 7.57 -1.70
CA ASN B 81 -24.90 8.66 -1.44
C ASN B 81 -26.04 8.20 -0.53
N ASN B 82 -26.67 7.08 -0.88
CA ASN B 82 -27.79 6.56 -0.10
C ASN B 82 -27.36 6.23 1.33
N LYS B 83 -26.22 5.56 1.47
CA LYS B 83 -25.78 5.15 2.80
C LYS B 83 -25.37 6.35 3.65
N ASN B 84 -24.79 7.38 3.03
CA ASN B 84 -24.49 8.60 3.78
C ASN B 84 -25.77 9.31 4.21
N TYR B 85 -26.75 9.44 3.31
CA TYR B 85 -28.02 10.06 3.66
C TYR B 85 -28.62 9.41 4.91
N HIS B 86 -28.75 8.08 4.89
CA HIS B 86 -29.47 7.41 5.97
C HIS B 86 -28.69 7.41 7.28
N LEU B 87 -27.36 7.45 7.21
CA LEU B 87 -26.57 7.49 8.43
C LEU B 87 -26.96 8.69 9.28
N LEU B 88 -27.22 9.83 8.63
CA LEU B 88 -27.68 11.03 9.34
C LEU B 88 -29.19 11.06 9.53
N ALA B 89 -29.96 10.84 8.46
CA ALA B 89 -31.41 11.04 8.52
C ALA B 89 -32.08 10.04 9.44
N ASP B 90 -31.60 8.79 9.51
CA ASP B 90 -32.21 7.80 10.37
C ASP B 90 -31.89 8.01 11.85
N ASP B 91 -30.98 8.92 12.17
CA ASP B 91 -30.65 9.23 13.55
C ASP B 91 -31.71 10.15 14.13
N ASN B 92 -32.24 9.79 15.31
CA ASN B 92 -33.35 10.54 15.87
C ASN B 92 -32.94 11.97 16.26
N ASN B 93 -31.65 12.23 16.44
CA ASN B 93 -31.20 13.55 16.86
C ASN B 93 -30.71 14.41 15.71
N ILE B 94 -30.90 13.96 14.46
CA ILE B 94 -30.47 14.71 13.29
C ILE B 94 -31.62 14.84 12.32
N ASP B 95 -31.84 16.07 11.84
CA ASP B 95 -32.74 16.37 10.73
C ASP B 95 -31.90 16.80 9.54
N VAL B 96 -32.02 16.08 8.43
CA VAL B 96 -31.41 16.49 7.17
C VAL B 96 -32.44 17.35 6.45
N LEU B 97 -32.17 18.65 6.36
CA LEU B 97 -33.12 19.62 5.82
C LEU B 97 -32.75 19.93 4.38
N ASP B 98 -33.69 19.68 3.47
CA ASP B 98 -33.44 19.79 2.02
C ASP B 98 -33.79 21.21 1.56
N PHE B 99 -32.86 22.13 1.82
CA PHE B 99 -33.04 23.53 1.43
C PHE B 99 -31.68 24.14 1.12
N LYS B 100 -31.71 25.32 0.49
CA LYS B 100 -30.53 26.16 0.38
C LYS B 100 -30.51 27.12 1.56
N ALA B 101 -29.39 27.17 2.28
CA ALA B 101 -29.29 28.01 3.46
C ALA B 101 -28.74 29.38 3.08
N GLN B 102 -29.30 30.40 3.72
CA GLN B 102 -28.76 31.75 3.65
C GLN B 102 -29.01 32.39 5.01
N PHE B 103 -28.02 33.12 5.51
CA PHE B 103 -28.15 33.74 6.83
C PHE B 103 -29.19 34.84 6.80
N LYS B 104 -30.05 34.85 7.82
CA LYS B 104 -30.90 36.00 8.10
C LYS B 104 -30.19 37.03 8.96
N SER B 105 -29.35 36.57 9.87
CA SER B 105 -28.61 37.41 10.81
C SER B 105 -27.42 36.59 11.33
N ASN B 106 -26.73 37.10 12.35
CA ASN B 106 -25.66 36.33 12.99
C ASN B 106 -26.19 35.12 13.74
N THR B 107 -27.48 35.06 14.02
CA THR B 107 -28.03 33.99 14.85
C THR B 107 -29.10 33.15 14.16
N GLU B 108 -29.51 33.49 12.94
CA GLU B 108 -30.68 32.89 12.32
C GLU B 108 -30.40 32.55 10.86
N VAL B 109 -30.79 31.34 10.45
CA VAL B 109 -30.50 30.84 9.10
C VAL B 109 -31.82 30.64 8.36
N ASN B 110 -31.98 31.32 7.23
CA ASN B 110 -33.15 31.11 6.38
C ASN B 110 -32.99 29.84 5.56
N LEU B 111 -34.13 29.19 5.29
CA LEU B 111 -34.18 27.99 4.47
C LEU B 111 -34.93 28.30 3.19
N LEU B 112 -34.30 28.07 2.04
CA LEU B 112 -34.86 28.48 0.76
C LEU B 112 -35.25 27.26 -0.07
N ASP B 113 -36.41 27.34 -0.72
CA ASP B 113 -36.83 26.28 -1.61
C ASP B 113 -36.18 26.45 -2.99
N GLN B 114 -36.55 25.59 -3.94
CA GLN B 114 -35.94 25.62 -5.26
C GLN B 114 -36.22 26.92 -6.00
N HIS B 115 -37.28 27.66 -5.63
CA HIS B 115 -37.58 28.94 -6.25
C HIS B 115 -36.96 30.12 -5.52
N ASP B 116 -35.96 29.85 -4.67
CA ASP B 116 -35.24 30.90 -3.94
C ASP B 116 -36.13 31.67 -2.99
N ASP B 117 -37.22 31.06 -2.54
CA ASP B 117 -38.15 31.67 -1.59
C ASP B 117 -37.85 31.18 -0.19
N ILE B 118 -37.96 32.08 0.79
CA ILE B 118 -37.76 31.72 2.20
C ILE B 118 -38.99 30.95 2.67
N VAL B 119 -38.79 29.71 3.09
CA VAL B 119 -39.88 28.83 3.51
C VAL B 119 -39.92 28.76 5.03
N ASP B 120 -38.76 28.92 5.66
CA ASP B 120 -38.67 28.78 7.12
C ASP B 120 -37.33 29.33 7.58
N SER B 121 -37.18 29.44 8.89
CA SER B 121 -35.92 29.87 9.49
C SER B 121 -35.65 29.05 10.74
N ILE B 122 -34.37 28.89 11.08
CA ILE B 122 -33.96 28.09 12.23
C ILE B 122 -32.79 28.77 12.93
N THR B 123 -32.57 28.39 14.19
CA THR B 123 -31.50 28.95 14.99
C THR B 123 -30.88 27.86 15.86
N ALA B 124 -29.68 28.15 16.36
CA ALA B 124 -28.95 27.27 17.26
C ALA B 124 -27.81 28.07 17.89
N PRO B 125 -27.33 27.67 19.07
CA PRO B 125 -26.24 28.44 19.70
C PRO B 125 -24.93 28.39 18.92
N HIS B 126 -24.70 27.38 18.09
CA HIS B 126 -23.52 27.31 17.25
C HIS B 126 -23.90 26.91 15.84
N ILE B 127 -23.18 27.46 14.87
CA ILE B 127 -23.44 27.24 13.45
C ILE B 127 -22.11 26.90 12.79
N ILE B 128 -22.11 25.84 11.98
CA ILE B 128 -20.93 25.40 11.24
C ILE B 128 -21.18 25.61 9.75
N ILE B 129 -20.36 26.44 9.12
CA ILE B 129 -20.40 26.63 7.67
C ILE B 129 -19.47 25.61 7.02
N ASN B 130 -20.04 24.73 6.19
CA ASN B 130 -19.31 23.60 5.57
C ASN B 130 -19.77 23.44 4.12
N THR B 131 -19.66 24.52 3.34
CA THR B 131 -20.31 24.59 2.04
C THR B 131 -19.37 24.31 0.87
N GLY B 132 -18.11 23.99 1.14
CA GLY B 132 -17.23 23.53 0.07
C GLY B 132 -16.80 24.62 -0.89
N ALA B 133 -16.44 24.17 -2.10
CA ALA B 133 -15.96 25.03 -3.18
C ALA B 133 -16.63 24.61 -4.48
N THR B 134 -16.53 25.48 -5.50
CA THR B 134 -17.02 25.14 -6.82
C THR B 134 -15.98 25.52 -7.87
N SER B 135 -16.06 24.84 -9.02
CA SER B 135 -15.11 25.07 -10.09
C SER B 135 -15.10 26.52 -10.56
N VAL B 136 -13.89 27.04 -10.76
CA VAL B 136 -13.75 28.41 -11.27
C VAL B 136 -14.15 28.44 -12.74
N ILE B 137 -14.98 29.40 -13.09
CA ILE B 137 -15.42 29.63 -14.47
C ILE B 137 -14.61 30.79 -15.02
N PRO B 138 -13.76 30.59 -16.02
CA PRO B 138 -12.94 31.68 -16.53
C PRO B 138 -13.76 32.61 -17.42
N ASN B 139 -13.21 33.80 -17.63
CA ASN B 139 -13.82 34.79 -18.51
C ASN B 139 -13.19 34.60 -19.86
N ILE B 140 -13.84 33.83 -20.72
CA ILE B 140 -13.33 33.48 -22.04
C ILE B 140 -14.44 33.76 -23.04
N LYS B 141 -14.12 34.54 -24.07
CA LYS B 141 -15.09 34.87 -25.11
C LYS B 141 -15.70 33.59 -25.67
N GLY B 142 -17.02 33.54 -25.75
CA GLY B 142 -17.71 32.40 -26.33
C GLY B 142 -18.08 31.32 -25.34
N LEU B 143 -17.58 31.38 -24.11
CA LEU B 143 -17.81 30.29 -23.16
C LEU B 143 -19.28 30.15 -22.81
N ASP B 144 -20.00 31.28 -22.69
CA ASP B 144 -21.35 31.23 -22.16
C ASP B 144 -22.32 30.47 -23.07
N GLN B 145 -22.03 30.36 -24.37
CA GLN B 145 -22.87 29.59 -25.26
C GLN B 145 -22.14 28.46 -25.97
N ALA B 146 -20.89 28.15 -25.59
CA ALA B 146 -20.19 27.03 -26.22
C ALA B 146 -20.76 25.69 -25.76
N LYS B 147 -20.92 24.77 -26.71
CA LYS B 147 -21.33 23.41 -26.43
C LYS B 147 -20.12 22.54 -26.06
N HIS B 148 -20.41 21.39 -25.45
CA HIS B 148 -19.41 20.35 -25.16
C HIS B 148 -18.32 20.87 -24.21
N VAL B 149 -18.68 21.76 -23.29
CA VAL B 149 -17.75 22.27 -22.29
C VAL B 149 -18.22 21.83 -20.91
N PHE B 150 -17.28 21.37 -20.09
CA PHE B 150 -17.58 20.70 -18.83
C PHE B 150 -16.64 21.23 -17.76
N ASP B 151 -17.16 21.28 -16.53
CA ASP B 151 -16.29 21.28 -15.37
C ASP B 151 -16.11 19.83 -14.88
N SER B 152 -15.40 19.66 -13.78
CA SER B 152 -15.15 18.30 -13.30
C SER B 152 -16.45 17.55 -13.04
N THR B 153 -17.43 18.23 -12.43
CA THR B 153 -18.72 17.60 -12.18
C THR B 153 -19.38 17.16 -13.49
N GLY B 154 -19.40 18.05 -14.49
CA GLY B 154 -20.01 17.71 -15.77
C GLY B 154 -19.30 16.56 -16.46
N LEU B 155 -17.96 16.55 -16.41
CA LEU B 155 -17.21 15.50 -17.09
C LEU B 155 -17.42 14.16 -16.41
N LEU B 156 -17.53 14.15 -15.08
CA LEU B 156 -17.80 12.90 -14.38
C LEU B 156 -19.19 12.36 -14.66
N ASN B 157 -20.04 13.13 -15.34
CA ASN B 157 -21.38 12.68 -15.71
C ASN B 157 -21.59 12.75 -17.21
N ILE B 158 -20.52 12.79 -18.00
CA ILE B 158 -20.65 12.94 -19.45
C ILE B 158 -21.38 11.73 -20.03
N SER B 159 -22.17 11.98 -21.08
CA SER B 159 -23.03 10.94 -21.64
C SER B 159 -22.39 10.20 -22.82
N TYR B 160 -21.16 10.54 -23.20
CA TYR B 160 -20.48 9.90 -24.32
C TYR B 160 -18.97 9.93 -24.03
N GLN B 161 -18.23 9.05 -24.69
CA GLN B 161 -16.78 9.12 -24.59
C GLN B 161 -16.24 10.11 -25.62
N PRO B 162 -15.56 11.17 -25.20
CA PRO B 162 -14.92 12.07 -26.17
C PRO B 162 -13.74 11.38 -26.85
N LYS B 163 -13.68 11.49 -28.17
CA LYS B 163 -12.52 10.94 -28.84
C LYS B 163 -11.28 11.77 -28.53
N HIS B 164 -11.45 13.09 -28.38
CA HIS B 164 -10.35 13.98 -28.04
C HIS B 164 -10.86 14.95 -26.98
N LEU B 165 -10.24 14.90 -25.82
CA LEU B 165 -10.53 15.81 -24.72
C LEU B 165 -9.44 16.86 -24.65
N VAL B 166 -9.83 18.14 -24.65
CA VAL B 166 -8.89 19.23 -24.39
C VAL B 166 -9.15 19.73 -22.97
N ILE B 167 -8.10 19.80 -22.16
CA ILE B 167 -8.21 20.28 -20.80
C ILE B 167 -7.61 21.67 -20.70
N VAL B 168 -8.41 22.63 -20.25
CA VAL B 168 -7.91 23.97 -19.96
C VAL B 168 -7.53 23.97 -18.49
N GLY B 169 -6.22 23.97 -18.22
CA GLY B 169 -5.70 23.93 -16.87
C GLY B 169 -4.68 22.79 -16.78
N GLY B 170 -3.66 23.01 -15.96
CA GLY B 170 -2.58 22.05 -15.85
C GLY B 170 -2.27 21.64 -14.42
N GLY B 171 -3.18 21.97 -13.49
CA GLY B 171 -3.02 21.63 -12.10
C GLY B 171 -3.26 20.15 -11.83
N TYR B 172 -3.24 19.80 -10.54
CA TYR B 172 -3.21 18.39 -10.17
C TYR B 172 -4.49 17.67 -10.61
N ILE B 173 -5.66 18.28 -10.39
CA ILE B 173 -6.90 17.64 -10.81
C ILE B 173 -6.95 17.50 -12.32
N ALA B 174 -6.53 18.54 -13.06
CA ALA B 174 -6.50 18.44 -14.51
C ALA B 174 -5.64 17.26 -14.97
N LEU B 175 -4.48 17.07 -14.33
CA LEU B 175 -3.60 15.98 -14.75
C LEU B 175 -4.16 14.61 -14.38
N GLU B 176 -4.85 14.52 -13.25
CA GLU B 176 -5.59 13.30 -12.93
C GLU B 176 -6.59 12.95 -14.02
N PHE B 177 -7.39 13.93 -14.47
CA PHE B 177 -8.33 13.65 -15.55
C PHE B 177 -7.62 13.28 -16.84
N ALA B 178 -6.43 13.85 -17.07
CA ALA B 178 -5.73 13.54 -18.32
C ALA B 178 -5.32 12.07 -18.36
N SER B 179 -4.69 11.58 -17.27
CA SER B 179 -4.31 10.16 -17.22
C SER B 179 -5.55 9.27 -17.23
N MET B 180 -6.59 9.68 -16.49
CA MET B 180 -7.85 8.93 -16.43
C MET B 180 -8.42 8.70 -17.81
N PHE B 181 -8.54 9.75 -18.61
CA PHE B 181 -9.18 9.59 -19.90
C PHE B 181 -8.26 8.95 -20.92
N ALA B 182 -6.95 9.23 -20.86
CA ALA B 182 -6.02 8.48 -21.68
C ALA B 182 -6.12 6.98 -21.42
N ASN B 183 -6.23 6.57 -20.15
CA ASN B 183 -6.29 5.14 -19.86
C ASN B 183 -7.62 4.52 -20.28
N LEU B 184 -8.63 5.33 -20.56
CA LEU B 184 -9.89 4.84 -21.09
C LEU B 184 -9.97 4.92 -22.62
N GLY B 185 -8.90 5.33 -23.29
CA GLY B 185 -8.84 5.35 -24.75
C GLY B 185 -9.14 6.68 -25.43
N SER B 186 -9.22 7.78 -24.69
CA SER B 186 -9.40 9.11 -25.30
C SER B 186 -8.06 9.75 -25.57
N LYS B 187 -7.97 10.48 -26.68
CA LYS B 187 -6.86 11.40 -26.89
C LYS B 187 -7.05 12.60 -25.98
N VAL B 188 -5.96 13.07 -25.33
CA VAL B 188 -6.04 14.15 -24.36
C VAL B 188 -4.97 15.19 -24.68
N THR B 189 -5.35 16.47 -24.65
CA THR B 189 -4.43 17.60 -24.76
C THR B 189 -4.60 18.45 -23.51
N VAL B 190 -3.50 18.81 -22.86
CA VAL B 190 -3.55 19.61 -21.63
C VAL B 190 -2.89 20.96 -21.89
N LEU B 191 -3.58 22.04 -21.52
CA LEU B 191 -3.14 23.41 -21.78
C LEU B 191 -2.89 24.11 -20.44
N GLU B 192 -1.63 24.44 -20.17
CA GLU B 192 -1.23 25.14 -18.95
C GLU B 192 -0.83 26.57 -19.29
N ARG B 193 -1.38 27.54 -18.55
CA ARG B 193 -1.06 28.94 -18.78
C ARG B 193 0.36 29.29 -18.34
N GLY B 194 0.88 28.59 -17.32
CA GLY B 194 2.17 28.88 -16.73
C GLY B 194 3.34 28.27 -17.50
N GLU B 195 4.54 28.46 -16.95
CA GLU B 195 5.75 28.01 -17.64
C GLU B 195 6.03 26.53 -17.50
N SER B 196 5.42 25.84 -16.53
CA SER B 196 5.76 24.45 -16.30
C SER B 196 4.59 23.75 -15.62
N PHE B 197 4.57 22.43 -15.77
CA PHE B 197 3.64 21.58 -15.05
C PHE B 197 4.21 21.20 -13.69
N MET B 198 3.33 21.10 -12.71
CA MET B 198 3.69 20.73 -11.35
C MET B 198 4.92 21.50 -10.83
N PRO B 199 4.94 22.82 -10.97
CA PRO B 199 5.96 23.57 -10.25
C PRO B 199 5.71 23.30 -8.78
N ARG B 200 6.72 23.51 -7.98
CA ARG B 200 6.65 23.14 -6.56
C ARG B 200 6.80 21.65 -6.31
N GLU B 201 6.68 20.78 -7.33
CA GLU B 201 7.11 19.41 -7.07
C GLU B 201 8.57 19.26 -7.49
N ASP B 202 9.21 18.21 -6.98
CA ASP B 202 10.61 17.97 -7.27
C ASP B 202 10.83 17.80 -8.77
N GLN B 203 11.76 18.58 -9.32
CA GLN B 203 11.84 18.66 -10.77
C GLN B 203 12.40 17.38 -11.41
N ASP B 204 13.25 16.64 -10.69
CA ASP B 204 13.66 15.33 -11.19
C ASP B 204 12.47 14.40 -11.34
N VAL B 205 11.59 14.38 -10.32
CA VAL B 205 10.39 13.54 -10.37
C VAL B 205 9.45 14.01 -11.48
N VAL B 206 9.27 15.33 -11.60
CA VAL B 206 8.34 15.85 -12.60
C VAL B 206 8.78 15.44 -14.00
N ALA B 207 10.09 15.43 -14.25
CA ALA B 207 10.57 15.08 -15.59
C ALA B 207 10.15 13.66 -15.97
N TYR B 208 10.25 12.71 -15.04
CA TYR B 208 9.74 11.37 -15.30
C TYR B 208 8.23 11.38 -15.48
N GLY B 209 7.52 12.16 -14.65
CA GLY B 209 6.07 12.17 -14.76
C GLY B 209 5.62 12.70 -16.10
N ILE B 210 6.29 13.72 -16.61
CA ILE B 210 5.96 14.24 -17.95
C ILE B 210 6.22 13.19 -19.01
N THR B 211 7.38 12.53 -18.92
CA THR B 211 7.69 11.48 -19.88
C THR B 211 6.61 10.42 -19.87
N ASP B 212 6.19 9.99 -18.69
CA ASP B 212 5.21 8.92 -18.61
C ASP B 212 3.84 9.36 -19.12
N LEU B 213 3.48 10.64 -18.93
CA LEU B 213 2.25 11.16 -19.51
C LEU B 213 2.33 11.18 -21.02
N GLU B 214 3.46 11.65 -21.55
CA GLU B 214 3.58 11.78 -23.00
C GLU B 214 3.64 10.41 -23.66
N ASN B 215 4.17 9.41 -22.95
CA ASN B 215 4.20 8.06 -23.50
C ASN B 215 2.81 7.45 -23.60
N LYS B 216 1.83 8.01 -22.90
CA LYS B 216 0.44 7.64 -23.10
C LYS B 216 -0.18 8.35 -24.29
N GLY B 217 0.57 9.17 -25.00
CA GLY B 217 0.00 9.96 -26.08
C GLY B 217 -0.65 11.26 -25.64
N ILE B 218 -0.48 11.64 -24.38
CA ILE B 218 -1.01 12.92 -23.90
C ILE B 218 -0.11 14.05 -24.40
N ALA B 219 -0.72 15.06 -25.02
CA ALA B 219 0.00 16.27 -25.42
C ALA B 219 -0.09 17.30 -24.30
N LEU B 220 1.06 17.86 -23.92
CA LEU B 220 1.16 18.87 -22.87
C LEU B 220 1.73 20.15 -23.44
N HIS B 221 1.09 21.28 -23.13
CA HIS B 221 1.50 22.58 -23.63
C HIS B 221 1.57 23.57 -22.48
N THR B 222 2.63 24.36 -22.46
CA THR B 222 2.81 25.43 -21.47
C THR B 222 2.73 26.78 -22.16
N ASN B 223 2.61 27.83 -21.32
CA ASN B 223 2.56 29.22 -21.79
C ASN B 223 1.36 29.46 -22.73
N VAL B 224 0.25 28.76 -22.48
CA VAL B 224 -0.94 28.83 -23.32
C VAL B 224 -1.87 29.91 -22.79
N GLU B 225 -2.19 30.87 -23.65
CA GLU B 225 -3.17 31.91 -23.39
C GLU B 225 -4.42 31.55 -24.16
N THR B 226 -5.51 31.19 -23.47
CA THR B 226 -6.77 30.88 -24.15
C THR B 226 -7.58 32.15 -24.34
N THR B 227 -7.99 32.43 -25.59
CA THR B 227 -8.68 33.67 -25.93
C THR B 227 -10.14 33.51 -26.29
N GLU B 228 -10.59 32.32 -26.68
CA GLU B 228 -11.95 32.16 -27.22
C GLU B 228 -12.28 30.69 -27.32
N LEU B 229 -13.57 30.39 -27.14
CA LEU B 229 -14.15 29.08 -27.45
C LEU B 229 -15.21 29.27 -28.52
N SER B 230 -15.21 28.38 -29.51
CA SER B 230 -16.26 28.31 -30.52
C SER B 230 -16.72 26.87 -30.65
N SER B 231 -17.97 26.67 -31.04
CA SER B 231 -18.45 25.29 -31.09
C SER B 231 -19.43 25.05 -32.24
N ASP B 232 -19.45 23.78 -32.69
CA ASP B 232 -20.40 23.12 -33.57
C ASP B 232 -21.37 22.26 -32.76
N ASN B 233 -22.28 21.58 -33.46
CA ASN B 233 -22.99 20.46 -32.84
C ASN B 233 -22.05 19.33 -32.49
N HIS B 234 -20.81 19.33 -33.00
CA HIS B 234 -19.96 18.15 -32.87
C HIS B 234 -18.63 18.42 -32.21
N HIS B 235 -18.07 19.61 -32.42
CA HIS B 235 -16.73 19.93 -31.91
C HIS B 235 -16.74 21.29 -31.27
N THR B 236 -15.77 21.50 -30.40
CA THR B 236 -15.50 22.77 -29.77
C THR B 236 -14.04 23.07 -29.99
N THR B 237 -13.73 24.29 -30.43
CA THR B 237 -12.34 24.71 -30.62
C THR B 237 -11.92 25.65 -29.52
N VAL B 238 -10.76 25.37 -28.94
CA VAL B 238 -10.11 26.25 -27.97
C VAL B 238 -9.08 27.08 -28.73
N HIS B 239 -9.36 28.38 -28.89
CA HIS B 239 -8.45 29.26 -29.60
C HIS B 239 -7.43 29.81 -28.60
N THR B 240 -6.15 29.69 -28.93
CA THR B 240 -5.10 30.13 -28.02
C THR B 240 -4.02 30.88 -28.80
N ASN B 241 -3.10 31.48 -28.05
CA ASN B 241 -1.96 32.15 -28.66
C ASN B 241 -1.03 31.17 -29.33
N VAL B 242 -1.14 29.89 -28.98
CA VAL B 242 -0.30 28.85 -29.55
C VAL B 242 -0.91 28.31 -30.85
N ASP B 243 -2.22 28.10 -30.85
CA ASP B 243 -2.86 27.20 -31.79
C ASP B 243 -4.35 27.19 -31.51
N ASN B 244 -5.11 26.63 -32.46
CA ASN B 244 -6.52 26.32 -32.28
C ASN B 244 -6.64 24.81 -32.05
N PHE B 245 -7.12 24.41 -30.87
CA PHE B 245 -7.23 23.00 -30.50
C PHE B 245 -8.70 22.57 -30.63
N GLU B 246 -8.99 21.73 -31.62
CA GLU B 246 -10.35 21.22 -31.82
C GLU B 246 -10.57 19.95 -30.99
N ALA B 247 -11.69 19.91 -30.27
CA ALA B 247 -11.97 18.83 -29.33
C ALA B 247 -13.40 18.35 -29.52
N ASP B 248 -13.65 17.11 -29.06
CA ASP B 248 -15.01 16.61 -28.88
C ASP B 248 -15.59 16.98 -27.53
N ALA B 249 -14.73 17.32 -26.56
CA ALA B 249 -15.18 17.78 -25.25
C ALA B 249 -14.06 18.63 -24.68
N VAL B 250 -14.43 19.64 -23.90
CA VAL B 250 -13.46 20.52 -23.25
C VAL B 250 -13.69 20.45 -21.75
N LEU B 251 -12.62 20.27 -20.98
CA LEU B 251 -12.68 20.35 -19.53
C LEU B 251 -12.05 21.65 -19.04
N LEU B 252 -12.80 22.41 -18.25
CA LEU B 252 -12.28 23.61 -17.57
C LEU B 252 -11.88 23.17 -16.16
N ALA B 253 -10.55 23.19 -15.87
CA ALA B 253 -9.99 22.74 -14.60
C ALA B 253 -8.90 23.72 -14.18
N ILE B 254 -9.30 24.94 -13.81
CA ILE B 254 -8.34 26.00 -13.50
C ILE B 254 -8.40 26.40 -12.03
N GLY B 255 -9.10 25.65 -11.19
CA GLY B 255 -9.18 25.98 -9.78
C GLY B 255 -10.58 25.82 -9.22
N ARG B 256 -10.69 25.89 -7.89
CA ARG B 256 -11.97 25.78 -7.20
C ARG B 256 -12.04 26.86 -6.14
N LYS B 257 -13.16 27.61 -6.10
CA LYS B 257 -13.28 28.76 -5.20
C LYS B 257 -14.28 28.49 -4.09
N PRO B 258 -14.03 29.01 -2.88
CA PRO B 258 -14.97 28.83 -1.76
C PRO B 258 -16.41 29.20 -2.14
N ASN B 259 -17.35 28.36 -1.71
CA ASN B 259 -18.76 28.60 -1.94
C ASN B 259 -19.32 29.39 -0.75
N THR B 260 -19.56 30.68 -0.95
CA THR B 260 -19.95 31.55 0.15
C THR B 260 -21.27 32.26 -0.16
N ASP B 261 -22.10 31.66 -1.00
CA ASP B 261 -23.39 32.24 -1.42
C ASP B 261 -24.41 32.06 -0.29
N LEU B 262 -24.18 32.80 0.78
CA LEU B 262 -24.86 32.58 2.05
C LEU B 262 -25.51 33.84 2.60
N ALA B 263 -25.62 34.90 1.79
CA ALA B 263 -26.13 36.20 2.24
C ALA B 263 -25.33 36.72 3.43
N LEU B 264 -24.00 36.66 3.30
CA LEU B 264 -23.09 37.06 4.38
C LEU B 264 -23.20 38.55 4.70
N GLU B 265 -23.76 39.34 3.80
CA GLU B 265 -24.01 40.75 4.10
C GLU B 265 -24.97 40.92 5.27
N ASN B 266 -25.73 39.87 5.61
CA ASN B 266 -26.63 39.89 6.76
C ASN B 266 -25.92 39.59 8.07
N THR B 267 -24.60 39.40 8.03
CA THR B 267 -23.83 38.92 9.17
C THR B 267 -22.58 39.78 9.33
N ASP B 268 -21.84 39.52 10.40
CA ASP B 268 -20.53 40.11 10.60
C ASP B 268 -19.39 39.17 10.16
N ILE B 269 -19.71 38.20 9.32
CA ILE B 269 -18.74 37.19 8.86
C ILE B 269 -17.91 37.81 7.75
N GLU B 270 -16.59 37.83 7.93
CA GLU B 270 -15.70 38.48 6.97
C GLU B 270 -15.04 37.47 6.03
N LEU B 271 -14.83 37.91 4.80
CA LEU B 271 -14.14 37.11 3.78
C LEU B 271 -12.72 37.63 3.61
N GLY B 272 -11.82 36.72 3.24
CA GLY B 272 -10.43 37.06 3.02
C GLY B 272 -10.15 37.46 1.57
N ASP B 273 -8.87 37.70 1.29
CA ASP B 273 -8.45 38.22 0.00
C ASP B 273 -8.73 37.24 -1.14
N ARG B 274 -8.80 35.95 -0.84
CA ARG B 274 -9.02 34.93 -1.87
C ARG B 274 -10.46 34.45 -1.90
N GLY B 275 -11.39 35.18 -1.30
CA GLY B 275 -12.78 34.80 -1.26
C GLY B 275 -13.15 33.79 -0.20
N GLU B 276 -12.19 33.40 0.64
CA GLU B 276 -12.44 32.40 1.66
C GLU B 276 -13.06 33.05 2.90
N ILE B 277 -13.76 32.25 3.68
CA ILE B 277 -14.24 32.71 4.98
C ILE B 277 -13.06 32.79 5.93
N LYS B 278 -12.82 33.97 6.50
CA LYS B 278 -11.71 34.10 7.44
C LYS B 278 -11.96 33.33 8.73
N VAL B 279 -10.99 32.51 9.13
CA VAL B 279 -11.08 31.80 10.40
C VAL B 279 -9.78 31.98 11.18
N ASN B 280 -9.88 31.79 12.49
CA ASN B 280 -8.71 31.76 13.35
C ASN B 280 -8.23 30.32 13.46
N ALA B 281 -7.29 30.06 14.38
CA ALA B 281 -6.68 28.73 14.44
C ALA B 281 -7.64 27.67 14.96
N HIS B 282 -8.73 28.08 15.60
CA HIS B 282 -9.79 27.18 16.04
C HIS B 282 -10.95 27.10 15.04
N LEU B 283 -10.79 27.68 13.85
CA LEU B 283 -11.78 27.70 12.77
C LEU B 283 -12.99 28.56 13.12
N GLN B 284 -12.83 29.44 14.09
CA GLN B 284 -13.86 30.44 14.40
C GLN B 284 -13.88 31.50 13.33
N THR B 285 -15.06 31.84 12.82
CA THR B 285 -15.18 33.00 11.95
C THR B 285 -15.03 34.28 12.78
N THR B 286 -15.22 35.42 12.11
CA THR B 286 -15.23 36.69 12.85
C THR B 286 -16.47 36.86 13.72
N VAL B 287 -17.43 35.93 13.63
CA VAL B 287 -18.54 35.82 14.58
C VAL B 287 -18.26 34.61 15.46
N PRO B 288 -18.03 34.78 16.78
CA PRO B 288 -17.39 33.71 17.58
C PRO B 288 -18.16 32.40 17.63
N HIS B 289 -19.48 32.42 17.57
CA HIS B 289 -20.25 31.18 17.65
C HIS B 289 -20.46 30.50 16.31
N ILE B 290 -19.89 31.04 15.23
CA ILE B 290 -19.98 30.45 13.91
C ILE B 290 -18.58 30.00 13.51
N TYR B 291 -18.47 28.74 13.07
CA TYR B 291 -17.22 28.15 12.62
C TYR B 291 -17.34 27.83 11.13
N ALA B 292 -16.19 27.64 10.49
CA ALA B 292 -16.15 27.28 9.08
C ALA B 292 -15.12 26.18 8.90
N ALA B 293 -15.44 25.21 8.05
CA ALA B 293 -14.65 23.98 7.95
C ALA B 293 -14.60 23.56 6.50
N GLY B 294 -13.49 22.89 6.12
CA GLY B 294 -13.36 22.41 4.76
C GLY B 294 -12.88 23.48 3.79
N ASP B 295 -13.21 23.26 2.50
CA ASP B 295 -12.67 24.10 1.43
C ASP B 295 -13.08 25.57 1.60
N VAL B 296 -14.25 25.82 2.17
CA VAL B 296 -14.80 27.17 2.25
C VAL B 296 -13.93 28.14 3.05
N LYS B 297 -13.12 27.64 4.01
CA LYS B 297 -12.28 28.52 4.81
C LYS B 297 -10.91 28.76 4.18
N GLY B 298 -10.72 28.32 2.95
CA GLY B 298 -9.47 28.57 2.24
C GLY B 298 -8.40 27.53 2.52
N GLY B 299 -7.24 27.77 1.92
CA GLY B 299 -6.12 26.87 2.09
C GLY B 299 -6.33 25.56 1.34
N LEU B 300 -5.69 24.51 1.86
CA LEU B 300 -5.67 23.20 1.20
C LEU B 300 -7.07 22.62 1.04
N GLN B 301 -7.34 22.05 -0.14
CA GLN B 301 -8.62 21.42 -0.46
C GLN B 301 -8.44 19.90 -0.55
N PHE B 302 -8.53 19.23 0.61
CA PHE B 302 -8.53 17.77 0.68
C PHE B 302 -9.65 17.30 1.59
N THR B 303 -10.18 16.12 1.27
CA THR B 303 -11.22 15.53 2.12
C THR B 303 -10.71 15.30 3.54
N TYR B 304 -9.45 14.96 3.68
CA TYR B 304 -8.89 14.68 5.00
C TYR B 304 -8.53 15.94 5.76
N ILE B 305 -8.40 17.09 5.08
CA ILE B 305 -8.29 18.34 5.81
C ILE B 305 -9.64 18.72 6.38
N SER B 306 -10.71 18.52 5.60
CA SER B 306 -12.05 18.71 6.15
C SER B 306 -12.29 17.78 7.33
N LEU B 307 -11.87 16.53 7.24
CA LEU B 307 -12.00 15.62 8.37
C LEU B 307 -11.23 16.14 9.57
N ASP B 308 -10.01 16.65 9.35
CA ASP B 308 -9.26 17.19 10.46
C ASP B 308 -9.92 18.44 11.04
N ASP B 309 -10.58 19.23 10.19
CA ASP B 309 -11.32 20.39 10.68
C ASP B 309 -12.41 19.98 11.66
N TYR B 310 -13.04 18.83 11.42
CA TYR B 310 -14.00 18.31 12.41
C TYR B 310 -13.30 18.07 13.75
N ARG B 311 -12.08 17.54 13.71
CA ARG B 311 -11.35 17.30 14.96
C ARG B 311 -11.09 18.60 15.71
N ILE B 312 -10.75 19.66 14.96
CA ILE B 312 -10.49 20.97 15.57
C ILE B 312 -11.77 21.55 16.17
N ILE B 313 -12.86 21.48 15.41
CA ILE B 313 -14.11 22.08 15.88
C ILE B 313 -14.69 21.26 17.03
N LYS B 314 -14.58 19.93 16.95
CA LYS B 314 -14.96 19.10 18.10
C LYS B 314 -14.14 19.47 19.33
N SER B 315 -12.83 19.65 19.15
CA SER B 315 -11.98 20.03 20.28
C SER B 315 -12.42 21.37 20.87
N ALA B 316 -12.77 22.33 20.01
CA ALA B 316 -13.16 23.65 20.50
C ALA B 316 -14.52 23.60 21.22
N LEU B 317 -15.49 22.86 20.66
CA LEU B 317 -16.85 22.92 21.19
C LEU B 317 -17.12 21.91 22.30
N TYR B 318 -16.49 20.73 22.24
CA TYR B 318 -16.74 19.67 23.20
C TYR B 318 -15.49 19.20 23.94
N GLY B 319 -14.31 19.52 23.46
CA GLY B 319 -13.09 19.00 24.07
C GLY B 319 -12.27 20.03 24.82
N ASN B 320 -10.95 19.81 24.82
CA ASN B 320 -10.03 20.63 25.61
C ASN B 320 -9.43 21.77 24.81
N GLN B 321 -9.90 22.02 23.59
CA GLN B 321 -9.52 23.15 22.77
C GLN B 321 -8.05 23.12 22.34
N SER B 322 -7.38 21.97 22.47
CA SER B 322 -5.96 21.94 22.16
C SER B 322 -5.68 21.76 20.67
N ARG B 323 -6.64 21.29 19.88
CA ARG B 323 -6.40 21.07 18.45
C ARG B 323 -6.62 22.37 17.69
N THR B 324 -5.67 22.74 16.83
CA THR B 324 -5.79 23.93 15.99
C THR B 324 -5.31 23.61 14.58
N THR B 325 -5.42 24.61 13.69
CA THR B 325 -4.81 24.48 12.38
C THR B 325 -3.29 24.53 12.44
N ASP B 326 -2.71 24.84 13.59
CA ASP B 326 -1.26 24.89 13.71
C ASP B 326 -0.64 23.60 14.23
N ASN B 327 -1.43 22.61 14.67
CA ASN B 327 -0.85 21.33 15.09
C ASN B 327 -1.53 20.16 14.39
N ARG B 328 -1.75 20.28 13.08
CA ARG B 328 -2.30 19.17 12.31
C ARG B 328 -1.30 18.03 12.13
N GLY B 329 0.01 18.30 12.25
CA GLY B 329 1.02 17.37 11.80
C GLY B 329 1.27 17.56 10.31
N SER B 330 2.19 16.76 9.77
CA SER B 330 2.53 16.89 8.35
C SER B 330 1.36 16.46 7.47
N VAL B 331 1.12 17.19 6.39
CA VAL B 331 -0.05 16.94 5.55
C VAL B 331 0.42 16.28 4.26
N PRO B 332 0.18 14.99 4.08
CA PRO B 332 0.61 14.32 2.84
C PRO B 332 -0.42 14.54 1.75
N TYR B 333 0.00 14.29 0.51
CA TYR B 333 -1.00 14.31 -0.55
C TYR B 333 -0.52 13.46 -1.70
N THR B 334 -1.46 13.14 -2.58
CA THR B 334 -1.21 12.32 -3.76
C THR B 334 -1.80 13.01 -4.97
N VAL B 335 -1.01 13.11 -6.03
CA VAL B 335 -1.49 13.46 -7.36
C VAL B 335 -1.74 12.15 -8.09
N PHE B 336 -3.01 11.85 -8.38
CA PHE B 336 -3.34 10.53 -8.92
C PHE B 336 -3.16 10.49 -10.44
N ILE B 337 -1.97 10.86 -10.91
CA ILE B 337 -1.54 10.43 -12.24
C ILE B 337 -1.18 8.94 -12.15
N ASP B 338 -0.61 8.40 -13.23
CA ASP B 338 -0.35 6.97 -13.35
C ASP B 338 1.12 6.74 -13.65
N PRO B 339 1.92 6.29 -12.67
CA PRO B 339 1.54 5.90 -11.30
C PRO B 339 1.37 7.10 -10.38
N PRO B 340 0.85 6.95 -9.16
CA PRO B 340 0.56 8.14 -8.34
C PRO B 340 1.84 8.79 -7.82
N LEU B 341 1.80 10.12 -7.76
CA LEU B 341 2.88 10.93 -7.21
C LEU B 341 2.44 11.40 -5.82
N SER B 342 3.07 10.86 -4.78
CA SER B 342 2.68 11.17 -3.42
C SER B 342 3.79 11.95 -2.74
N ARG B 343 3.41 12.88 -1.86
CA ARG B 343 4.35 13.83 -1.29
C ARG B 343 4.03 14.12 0.17
N VAL B 344 5.07 14.29 0.97
CA VAL B 344 4.91 14.88 2.30
C VAL B 344 6.15 15.70 2.60
N GLY B 345 5.95 16.86 3.26
CA GLY B 345 7.12 17.65 3.64
C GLY B 345 7.81 18.34 2.47
N LEU B 346 9.10 18.60 2.67
CA LEU B 346 9.88 19.45 1.76
C LEU B 346 10.43 18.71 0.54
N THR B 347 10.63 19.47 -0.54
CA THR B 347 11.53 19.02 -1.59
C THR B 347 12.96 19.39 -1.24
N SER B 348 13.91 18.78 -1.95
CA SER B 348 15.30 19.16 -1.75
C SER B 348 15.53 20.61 -2.13
N LYS B 349 14.81 21.11 -3.14
CA LYS B 349 14.91 22.53 -3.48
C LYS B 349 14.46 23.42 -2.32
N GLU B 350 13.38 23.04 -1.64
CA GLU B 350 12.92 23.85 -0.51
C GLU B 350 13.85 23.73 0.68
N ALA B 351 14.40 22.54 0.93
CA ALA B 351 15.34 22.36 2.03
C ALA B 351 16.59 23.20 1.82
N ALA B 352 17.09 23.23 0.58
CA ALA B 352 18.26 24.07 0.28
C ALA B 352 17.93 25.55 0.40
N ALA B 353 16.73 25.95 -0.03
CA ALA B 353 16.38 27.37 0.02
C ALA B 353 16.26 27.85 1.46
N GLN B 354 15.93 26.95 2.39
CA GLN B 354 15.81 27.31 3.79
C GLN B 354 17.12 27.13 4.56
N HIS B 355 18.19 26.73 3.86
CA HIS B 355 19.53 26.59 4.45
C HIS B 355 19.58 25.41 5.44
N TYR B 356 18.87 24.34 5.14
CA TYR B 356 19.07 23.11 5.87
C TYR B 356 20.40 22.49 5.49
N ASP B 357 21.05 21.87 6.46
CA ASP B 357 22.16 20.97 6.17
C ASP B 357 21.52 19.63 5.88
N TYR B 358 21.19 19.39 4.61
CA TYR B 358 20.36 18.26 4.21
C TYR B 358 21.14 17.26 3.36
N THR B 359 20.57 16.05 3.26
CA THR B 359 21.01 15.05 2.29
C THR B 359 19.78 14.55 1.53
N GLU B 360 19.89 14.43 0.21
CA GLU B 360 18.84 13.82 -0.59
C GLU B 360 19.32 12.48 -1.14
N HIS B 361 18.38 11.57 -1.33
CA HIS B 361 18.69 10.27 -1.89
C HIS B 361 17.51 9.81 -2.72
N GLN B 362 17.79 9.02 -3.75
CA GLN B 362 16.72 8.63 -4.66
C GLN B 362 16.88 7.17 -5.08
N LEU B 363 15.79 6.63 -5.60
CA LEU B 363 15.71 5.21 -5.96
C LEU B 363 14.72 5.09 -7.10
N LEU B 364 15.20 4.68 -8.28
CA LEU B 364 14.29 4.43 -9.39
C LEU B 364 13.41 3.22 -9.09
N VAL B 365 12.14 3.30 -9.50
CA VAL B 365 11.26 2.15 -9.30
C VAL B 365 11.77 0.95 -10.09
N SER B 366 12.45 1.18 -11.22
CA SER B 366 13.04 0.07 -11.97
C SER B 366 14.12 -0.66 -11.18
N ALA B 367 14.63 -0.06 -10.10
CA ALA B 367 15.59 -0.73 -9.23
C ALA B 367 14.93 -1.42 -8.04
N ILE B 368 13.61 -1.41 -7.95
CA ILE B 368 12.86 -2.05 -6.87
C ILE B 368 12.36 -3.38 -7.41
N PRO B 369 12.84 -4.53 -6.90
CA PRO B 369 12.43 -5.82 -7.49
C PRO B 369 10.93 -6.04 -7.54
N ARG B 370 10.17 -5.52 -6.57
CA ARG B 370 8.70 -5.63 -6.64
C ARG B 370 8.13 -5.07 -7.94
N HIS B 371 8.83 -4.13 -8.59
CA HIS B 371 8.32 -3.59 -9.85
C HIS B 371 8.17 -4.68 -10.91
N LYS B 372 9.00 -5.74 -10.87
CA LYS B 372 8.85 -6.82 -11.84
C LYS B 372 7.53 -7.55 -11.64
N ILE B 373 7.18 -7.83 -10.38
CA ILE B 373 5.89 -8.42 -10.07
C ILE B 373 4.75 -7.53 -10.57
N ASN B 374 4.85 -6.23 -10.32
CA ASN B 374 3.86 -5.25 -10.78
C ASN B 374 3.79 -5.12 -12.29
N ASN B 375 4.83 -5.56 -13.01
CA ASN B 375 4.92 -5.33 -14.47
C ASN B 375 4.85 -3.85 -14.79
N ASP B 376 5.55 -3.04 -13.99
CA ASP B 376 5.56 -1.58 -14.17
C ASP B 376 6.87 -1.02 -13.66
N PRO B 377 7.78 -0.62 -14.56
CA PRO B 377 9.07 -0.07 -14.16
C PRO B 377 9.07 1.42 -13.91
N ARG B 378 7.94 2.10 -14.08
CA ARG B 378 7.91 3.56 -14.02
C ARG B 378 7.95 4.08 -12.58
N GLY B 379 8.70 5.15 -12.37
CA GLY B 379 8.61 5.91 -11.13
C GLY B 379 9.98 6.25 -10.54
N LEU B 380 9.92 7.09 -9.51
CA LEU B 380 11.11 7.57 -8.84
C LEU B 380 10.73 7.91 -7.41
N PHE B 381 11.46 7.31 -6.46
CA PHE B 381 11.30 7.64 -5.04
C PHE B 381 12.44 8.54 -4.60
N LYS B 382 12.12 9.59 -3.84
CA LYS B 382 13.13 10.54 -3.41
C LYS B 382 12.87 10.98 -1.98
N VAL B 383 13.93 11.07 -1.17
CA VAL B 383 13.79 11.53 0.21
C VAL B 383 14.80 12.64 0.51
N VAL B 384 14.46 13.48 1.48
CA VAL B 384 15.29 14.58 1.95
C VAL B 384 15.35 14.49 3.46
N ILE B 385 16.56 14.45 4.02
CA ILE B 385 16.72 14.34 5.47
C ILE B 385 17.58 15.46 6.01
N ASN B 386 17.37 15.78 7.27
CA ASN B 386 18.15 16.78 7.99
C ASN B 386 19.37 16.11 8.61
N ASN B 387 20.57 16.51 8.15
CA ASN B 387 21.79 15.94 8.71
C ASN B 387 22.00 16.29 10.17
N GLU B 388 21.40 17.37 10.65
CA GLU B 388 21.66 17.85 12.00
C GLU B 388 21.02 16.93 13.05
N ASN B 389 19.93 16.25 12.70
CA ASN B 389 19.25 15.39 13.66
C ASN B 389 18.78 14.06 13.07
N ASN B 390 19.11 13.78 11.81
CA ASN B 390 18.74 12.56 11.11
C ASN B 390 17.23 12.41 10.94
N MET B 391 16.47 13.49 11.06
CA MET B 391 15.03 13.38 10.83
C MET B 391 14.69 13.61 9.37
N ILE B 392 13.54 13.08 8.96
CA ILE B 392 13.08 13.23 7.58
C ILE B 392 12.45 14.61 7.39
N LEU B 393 12.89 15.33 6.36
CA LEU B 393 12.30 16.61 6.02
C LEU B 393 11.21 16.47 4.96
N GLY B 394 11.31 15.48 4.07
CA GLY B 394 10.30 15.33 3.04
C GLY B 394 10.55 14.09 2.22
N ALA B 395 9.51 13.72 1.46
CA ALA B 395 9.66 12.61 0.52
C ALA B 395 8.69 12.79 -0.64
N THR B 396 9.12 12.33 -1.81
CA THR B 396 8.26 12.28 -2.99
C THR B 396 8.32 10.85 -3.50
N LEU B 397 7.21 10.14 -3.43
CA LEU B 397 7.13 8.75 -3.88
C LEU B 397 6.27 8.72 -5.14
N TYR B 398 6.91 8.61 -6.30
CA TYR B 398 6.20 8.56 -7.58
C TYR B 398 6.28 7.11 -8.06
N GLY B 399 5.18 6.40 -7.99
CA GLY B 399 5.20 4.97 -8.31
C GLY B 399 4.05 4.24 -7.66
N LYS B 400 3.85 2.98 -8.10
CA LYS B 400 2.76 2.18 -7.56
C LYS B 400 2.83 2.05 -6.04
N GLN B 401 1.66 2.08 -5.41
CA GLN B 401 1.40 1.99 -3.97
C GLN B 401 1.81 3.24 -3.19
N SER B 402 2.21 4.33 -3.87
CA SER B 402 2.71 5.49 -3.15
C SER B 402 1.62 6.14 -2.30
N GLU B 403 0.35 6.03 -2.73
CA GLU B 403 -0.71 6.66 -1.93
C GLU B 403 -0.90 5.95 -0.60
N GLU B 404 -0.46 4.69 -0.50
CA GLU B 404 -0.44 4.01 0.80
C GLU B 404 0.89 4.27 1.53
N LEU B 405 2.02 4.12 0.83
CA LEU B 405 3.34 4.20 1.50
C LEU B 405 3.61 5.58 2.11
N ILE B 406 3.14 6.65 1.47
CA ILE B 406 3.48 7.99 1.95
C ILE B 406 3.05 8.18 3.40
N ASN B 407 2.03 7.44 3.84
CA ASN B 407 1.56 7.54 5.21
C ASN B 407 2.60 7.02 6.22
N ILE B 408 3.48 6.11 5.81
CA ILE B 408 4.54 5.67 6.72
C ILE B 408 5.48 6.83 6.99
N ILE B 409 5.80 7.61 5.95
CA ILE B 409 6.76 8.69 6.09
C ILE B 409 6.14 9.86 6.85
N LYS B 410 4.85 10.14 6.61
CA LYS B 410 4.13 11.12 7.43
C LYS B 410 4.23 10.77 8.91
N LEU B 411 3.95 9.53 9.26
CA LEU B 411 4.01 9.13 10.67
C LEU B 411 5.42 9.32 11.22
N ALA B 412 6.44 8.95 10.45
CA ALA B 412 7.81 9.09 10.91
C ALA B 412 8.17 10.56 11.16
N ILE B 413 7.76 11.45 10.26
CA ILE B 413 8.06 12.88 10.44
C ILE B 413 7.42 13.37 11.74
N ASP B 414 6.13 13.09 11.94
CA ASP B 414 5.42 13.61 13.11
C ASP B 414 6.01 13.09 14.42
N GLN B 415 6.42 11.83 14.42
CA GLN B 415 6.84 11.17 15.65
C GLN B 415 8.35 11.22 15.85
N ASN B 416 9.04 12.00 15.03
CA ASN B 416 10.49 12.17 15.11
C ASN B 416 11.21 10.82 15.12
N ILE B 417 10.83 9.99 14.15
CA ILE B 417 11.52 8.72 13.91
C ILE B 417 12.63 8.99 12.91
N PRO B 418 13.89 8.78 13.27
CA PRO B 418 14.98 9.14 12.35
C PRO B 418 15.01 8.22 11.14
N TYR B 419 15.62 8.70 10.06
CA TYR B 419 15.59 7.95 8.81
C TYR B 419 16.31 6.63 8.93
N THR B 420 17.24 6.53 9.89
CA THR B 420 17.98 5.29 10.08
C THR B 420 17.08 4.16 10.56
N VAL B 421 15.99 4.49 11.29
CA VAL B 421 15.03 3.45 11.68
C VAL B 421 14.32 2.87 10.45
N LEU B 422 13.89 3.73 9.53
CA LEU B 422 13.23 3.22 8.33
C LEU B 422 14.22 2.46 7.44
N ARG B 423 15.48 2.90 7.42
CA ARG B 423 16.52 2.19 6.67
C ARG B 423 16.66 0.75 7.15
N ASP B 424 16.71 0.56 8.47
CA ASP B 424 17.10 -0.72 9.06
C ASP B 424 15.92 -1.62 9.40
N ASN B 425 14.69 -1.21 9.13
CA ASN B 425 13.53 -1.97 9.59
C ASN B 425 13.29 -3.23 8.76
N ILE B 426 12.62 -4.18 9.40
CA ILE B 426 12.14 -5.37 8.72
C ILE B 426 10.80 -5.05 8.07
N TYR B 427 10.68 -5.25 6.76
CA TYR B 427 9.44 -5.04 6.02
C TYR B 427 8.94 -6.34 5.42
N THR B 428 7.62 -6.43 5.20
CA THR B 428 7.12 -7.59 4.48
C THR B 428 7.69 -7.62 3.06
N HIS B 429 7.56 -8.77 2.41
CA HIS B 429 8.23 -9.08 1.16
C HIS B 429 7.39 -10.09 0.38
N PRO B 430 7.25 -9.92 -0.94
CA PRO B 430 7.77 -8.83 -1.79
C PRO B 430 6.78 -7.68 -1.87
N THR B 431 7.23 -6.46 -1.56
CA THR B 431 6.34 -5.31 -1.41
C THR B 431 7.03 -4.07 -1.98
N MET B 432 6.27 -2.99 -2.10
CA MET B 432 6.92 -1.72 -2.36
C MET B 432 7.53 -1.11 -1.09
N ALA B 433 6.92 -1.37 0.07
CA ALA B 433 7.39 -0.78 1.31
C ALA B 433 8.84 -1.17 1.61
N GLU B 434 9.22 -2.40 1.29
CA GLU B 434 10.59 -2.84 1.59
C GLU B 434 11.64 -2.08 0.80
N SER B 435 11.25 -1.32 -0.22
CA SER B 435 12.21 -0.49 -0.92
C SER B 435 12.82 0.55 0.00
N PHE B 436 12.19 0.79 1.16
CA PHE B 436 12.72 1.75 2.12
C PHE B 436 14.08 1.31 2.65
N ASN B 437 14.35 -0.01 2.67
CA ASN B 437 15.68 -0.46 3.05
C ASN B 437 16.76 0.12 2.14
N ASP B 438 16.45 0.33 0.86
CA ASP B 438 17.39 0.95 -0.07
C ASP B 438 17.19 2.45 -0.19
N LEU B 439 15.94 2.92 -0.18
CA LEU B 439 15.69 4.35 -0.33
C LEU B 439 16.37 5.15 0.77
N PHE B 440 16.43 4.61 1.98
CA PHE B 440 17.03 5.31 3.11
C PHE B 440 18.44 4.82 3.43
N ASN B 441 19.05 4.05 2.53
CA ASN B 441 20.39 3.52 2.72
C ASN B 441 21.42 4.51 2.15
N PHE B 442 21.77 5.51 2.97
CA PHE B 442 22.76 6.50 2.53
C PHE B 442 23.37 7.15 3.76
N HIS B 443 24.49 7.83 3.55
CA HIS B 443 25.18 8.60 4.58
C HIS B 443 25.05 10.09 4.30
N HIS B 444 25.49 10.91 5.25
CA HIS B 444 25.36 12.36 5.10
C HIS B 444 26.17 12.89 3.91
N HIS B 445 25.56 13.83 3.18
CA HIS B 445 26.27 14.70 2.24
C HIS B 445 26.10 16.11 2.79
N HIS B 446 27.11 16.61 3.49
CA HIS B 446 26.98 17.86 4.22
C HIS B 446 27.05 19.07 3.30
N HIS B 447 26.17 20.03 3.54
CA HIS B 447 26.10 21.27 2.77
C HIS B 447 26.28 22.44 3.72
N HIS B 448 27.28 23.27 3.44
CA HIS B 448 27.53 24.43 4.29
C HIS B 448 26.90 25.67 3.67
#